data_6SNW
#
_entry.id   6SNW
#
_cell.length_a   1.00
_cell.length_b   1.00
_cell.length_c   1.00
_cell.angle_alpha   90.00
_cell.angle_beta   90.00
_cell.angle_gamma   90.00
#
_symmetry.space_group_name_H-M   'P 1'
#
loop_
_entity.id
_entity.type
_entity.pdbx_description
1 polymer 'Capsid protein VP1'
2 polymer 'Coxsackievirus VP2'
3 polymer 'Capsid protein VP3'
4 polymer 'Coxsackievirus VP4'
5 polymer 'Kremen protein 1'
6 non-polymer SPHINGOSINE
7 non-polymer 2-acetamido-2-deoxy-beta-D-glucopyranose
#
loop_
_entity_poly.entity_id
_entity_poly.type
_entity_poly.pdbx_seq_one_letter_code
_entity_poly.pdbx_strand_id
1 'polypeptide(L)'
;GDPVEDIIHDALSSTVRRAITSGQDVNTAAGTAPSSHRLETGRVPALQAAETGATSNATDENMIETRCVMNRNGVLEATI
SHFFSRSGLVGVVNLTDGGTDTTGYAVWDIDIMGFVQLRRKCEMFTYMRFNAEFTFVTTTENGEARPFMLQYMYVPPGAP
KPTGRDAFQWQTATNPSVFVKLTDPPAQVSVPFMSPASAYQWFYDGYPTFGQHPETSNTTYGQCPNNMMGTFAVRVVSRV
ASQLKLQTRVYMKLKHVRAWIPRPIRSQPYLLKNFPNYDSSKITYSARDRASIKQANM
;
A
2 'polypeptide(L)'
;SPSVEACGYSDRVAQLTVGNSSITTQEAANIVLAYGEWPEYCPDTDATAVDKPTRPDVSVNRFYTLDSKMWQENSTGWYW
KFPDVLNKTGVFGQNAQFHYLYRSGFCLHVQCNASKFHQGALLVAVIPEFVLAGRGSNTKPNEAPHPGFNTTFPGTAGAS
FNDPYVLDSGVPLSQSLIYPHQWINLRTNNCATIIVPYINAVPFDSAINHSNFGLIVVPVSPLKYSSGATTAIPITVTIA
PLNSEFGGLRQAVSQ
;
B
3 'polypeptide(L)'
;GLPTELRPGTNQFLTTEDDTAAPILPGFSPTPSIHIPGEVRSLLELCRVETILEVNNTTDATGLNRLLIPVSAQNKADEL
CAAFMVDPGRIGPWQSTLVGQICRYYTQWSGSLKVTFMFTGSFMATGKMLIAYSPPGSAQPANRETAMLGTHVIWDFGLQ
SSVSLVIPWISNTHFRTAKTGGNYDYYTAGVVTLWYQTNYVVPPETPGEAYIIAMGAAQDNFTLKICKDTDEVTQQAVLQ
;
C
4 'polypeptide(L)' MGAQVSSQRSGSHETGNVATGGSTINFTNINYYKDSYAASASRQDFTQDPKKFTQPVLDSIRELSAPLN D
5 'polypeptide(L)'
;ETGAPSPGLGPGPECFTANGADYRGTQNWTALQGGKPCLFWNETFQHPYNTLKYPNGEGGLGEHNYCRNPDGDVSPWCYV
AEHEDGVYWKYCEIPACQMPGNLGCYKDHGNPPPLTGTSKTSNKLTIQTCISFCRSQRFKFAGMESGYACFCGNNPDYWK
YGEAASTECNSVCFGDHTQPCGGDGRIILFDTLVGACGGNYSAMSSVVYSPDFPDTYATGRVCYWTIRVPGASHIHFSFP
LFDIRDSADMVELLDGYTHRVLARFHGRSRPPLSFNVSLDFVILYFFSDRINQAQGFAVLYQAVKEEGSENLYFQGGSLP
QERPAVNQTVAEVITEQANLSVSAARSSKVLYVITTSPSHPPQTVPGTHHHHHHHHHH
;
E
#
loop_
_chem_comp.id
_chem_comp.type
_chem_comp.name
_chem_comp.formula
NAG D-saccharide, beta linking 2-acetamido-2-deoxy-beta-D-glucopyranose 'C8 H15 N O6'
SPH non-polymer SPHINGOSINE 'C18 H37 N O2'
#
# COMPACT_ATOMS: atom_id res chain seq x y z
N ASP A 2 -34.17 -36.72 14.42
CA ASP A 2 -35.35 -37.46 14.86
C ASP A 2 -36.50 -36.53 15.26
N PRO A 3 -36.25 -35.54 16.12
CA PRO A 3 -37.29 -34.51 16.29
C PRO A 3 -37.53 -33.72 15.02
N VAL A 4 -36.46 -33.38 14.33
CA VAL A 4 -36.56 -32.76 13.00
C VAL A 4 -35.25 -33.06 12.27
N GLU A 5 -35.38 -33.56 11.05
CA GLU A 5 -34.21 -34.03 10.30
C GLU A 5 -33.33 -32.90 9.83
N ASP A 6 -33.87 -31.69 9.76
CA ASP A 6 -33.17 -30.60 9.09
C ASP A 6 -31.93 -30.15 9.86
N ILE A 7 -31.93 -30.33 11.18
CA ILE A 7 -30.83 -29.86 12.00
C ILE A 7 -29.71 -30.90 12.10
N ILE A 8 -30.06 -32.19 12.09
CA ILE A 8 -29.06 -33.24 12.14
C ILE A 8 -28.45 -33.53 10.78
N HIS A 9 -29.12 -33.14 9.69
CA HIS A 9 -28.63 -33.43 8.36
C HIS A 9 -27.39 -32.59 8.05
N ASP A 10 -27.49 -31.28 8.21
CA ASP A 10 -26.36 -30.41 7.91
C ASP A 10 -25.22 -30.57 8.90
N ALA A 11 -25.55 -30.79 10.17
CA ALA A 11 -24.51 -30.94 11.18
C ALA A 11 -23.67 -32.18 10.92
N LEU A 12 -24.30 -33.29 10.55
CA LEU A 12 -23.54 -34.46 10.14
C LEU A 12 -22.72 -34.17 8.89
N SER A 13 -23.25 -33.35 7.98
CA SER A 13 -22.59 -33.01 6.74
C SER A 13 -21.87 -31.66 6.83
N SER A 14 -21.43 -31.29 8.03
CA SER A 14 -20.58 -30.11 8.25
C SER A 14 -19.12 -30.51 8.45
N THR A 15 -18.72 -31.64 7.89
CA THR A 15 -17.37 -32.15 8.07
C THR A 15 -16.41 -31.38 7.16
N VAL A 16 -15.12 -31.72 7.25
CA VAL A 16 -14.14 -31.06 6.40
C VAL A 16 -14.39 -31.47 4.96
N ARG A 17 -14.35 -30.50 4.05
CA ARG A 17 -14.58 -30.73 2.62
C ARG A 17 -13.21 -30.77 1.95
N THR A 21 -5.42 -31.81 -2.78
CA THR A 21 -4.29 -31.24 -3.52
C THR A 21 -2.99 -31.83 -3.00
N SER A 22 -2.94 -33.16 -2.90
CA SER A 22 -1.79 -33.84 -2.30
C SER A 22 -0.61 -33.72 -3.27
N GLY A 23 0.06 -32.56 -3.18
CA GLY A 23 1.21 -32.34 -4.02
C GLY A 23 2.44 -33.04 -3.47
N GLN A 24 3.29 -33.50 -4.38
CA GLN A 24 4.42 -34.32 -4.05
C GLN A 24 5.66 -33.46 -3.81
N ASP A 25 6.72 -34.12 -3.33
CA ASP A 25 7.98 -33.46 -3.01
C ASP A 25 8.90 -33.58 -4.22
N VAL A 26 9.12 -32.45 -4.89
CA VAL A 26 9.91 -32.42 -6.12
C VAL A 26 11.34 -32.04 -5.76
N ASN A 27 12.26 -32.99 -5.93
CA ASN A 27 13.64 -32.83 -5.49
C ASN A 27 14.52 -32.24 -6.58
N THR A 28 14.25 -32.60 -7.82
CA THR A 28 15.03 -32.21 -8.98
C THR A 28 14.15 -31.42 -9.95
N ALA A 29 14.70 -31.16 -11.12
CA ALA A 29 13.90 -30.66 -12.22
C ALA A 29 13.02 -31.77 -12.76
N ALA A 30 12.03 -31.39 -13.56
CA ALA A 30 11.13 -32.34 -14.19
C ALA A 30 11.76 -32.87 -15.47
N GLY A 31 11.92 -34.19 -15.55
CA GLY A 31 12.40 -34.82 -16.75
C GLY A 31 11.31 -34.88 -17.81
N THR A 32 11.59 -35.67 -18.83
CA THR A 32 10.65 -35.86 -19.92
C THR A 32 10.87 -37.24 -20.53
N ALA A 33 9.81 -37.85 -20.98
CA ALA A 33 9.86 -39.08 -21.75
C ALA A 33 9.73 -38.75 -23.23
N PRO A 34 10.06 -39.69 -24.11
CA PRO A 34 9.86 -39.45 -25.54
C PRO A 34 8.38 -39.33 -25.88
N SER A 35 8.14 -39.06 -27.16
CA SER A 35 6.80 -39.06 -27.69
C SER A 35 6.89 -39.09 -29.21
N SER A 36 6.00 -39.84 -29.83
CA SER A 36 5.91 -39.96 -31.26
C SER A 36 4.76 -39.10 -31.77
N HIS A 37 4.64 -39.02 -33.08
CA HIS A 37 3.50 -38.35 -33.66
C HIS A 37 2.22 -39.13 -33.37
N ARG A 38 1.13 -38.39 -33.18
CA ARG A 38 -0.19 -38.98 -32.96
C ARG A 38 -1.19 -38.19 -33.78
N LEU A 39 -1.80 -38.85 -34.74
CA LEU A 39 -2.70 -38.22 -35.71
C LEU A 39 -4.11 -38.74 -35.40
N GLU A 40 -4.78 -38.07 -34.48
CA GLU A 40 -6.10 -38.49 -34.05
C GLU A 40 -6.92 -37.28 -33.64
N THR A 41 -8.24 -37.39 -33.82
CA THR A 41 -9.18 -36.34 -33.45
C THR A 41 -9.65 -36.53 -32.01
N GLY A 42 -10.28 -35.49 -31.50
CA GLY A 42 -10.91 -35.55 -30.20
C GLY A 42 -9.98 -35.25 -29.05
N ARG A 43 -8.68 -35.49 -29.25
CA ARG A 43 -7.68 -35.35 -28.21
C ARG A 43 -6.72 -34.25 -28.64
N VAL A 44 -6.78 -33.13 -27.95
CA VAL A 44 -5.98 -31.95 -28.26
C VAL A 44 -5.56 -31.30 -26.94
N PRO A 45 -4.26 -31.12 -26.68
CA PRO A 45 -3.83 -30.33 -25.53
C PRO A 45 -3.49 -28.88 -25.83
N ALA A 46 -3.38 -28.51 -27.11
CA ALA A 46 -3.10 -27.12 -27.42
C ALA A 46 -4.30 -26.23 -27.13
N LEU A 47 -5.43 -26.54 -27.74
CA LEU A 47 -6.59 -25.66 -27.71
C LEU A 47 -7.25 -25.75 -26.35
N GLN A 48 -6.64 -25.05 -25.41
CA GLN A 48 -7.12 -24.96 -24.05
C GLN A 48 -8.09 -23.79 -23.97
N ALA A 49 -8.48 -23.43 -22.75
CA ALA A 49 -9.33 -22.28 -22.49
C ALA A 49 -8.68 -21.56 -21.31
N ALA A 50 -7.78 -20.65 -21.63
CA ALA A 50 -7.19 -19.79 -20.60
C ALA A 50 -8.22 -18.86 -19.98
N GLU A 51 -9.41 -18.75 -20.56
CA GLU A 51 -10.43 -17.90 -20.01
C GLU A 51 -11.00 -18.43 -18.70
N THR A 52 -10.90 -19.73 -18.46
CA THR A 52 -11.31 -20.29 -17.19
C THR A 52 -10.38 -19.94 -16.04
N GLY A 53 -9.29 -19.23 -16.32
CA GLY A 53 -8.32 -18.90 -15.31
C GLY A 53 -7.28 -19.95 -15.06
N ALA A 54 -7.48 -21.15 -15.59
CA ALA A 54 -6.51 -22.21 -15.41
C ALA A 54 -5.30 -21.98 -16.29
N THR A 55 -4.19 -22.56 -15.86
CA THR A 55 -3.00 -22.63 -16.68
C THR A 55 -3.15 -23.75 -17.70
N SER A 56 -2.77 -23.47 -18.94
CA SER A 56 -2.74 -24.52 -19.94
C SER A 56 -1.65 -25.51 -19.61
N ASN A 57 -1.99 -26.79 -19.67
CA ASN A 57 -1.07 -27.89 -19.37
C ASN A 57 -0.50 -28.50 -20.63
N ALA A 58 -0.23 -27.67 -21.64
CA ALA A 58 0.35 -28.16 -22.87
C ALA A 58 1.80 -28.53 -22.66
N THR A 59 2.02 -29.75 -22.19
CA THR A 59 3.36 -30.19 -21.87
C THR A 59 4.18 -30.38 -23.15
N ASP A 60 5.50 -30.36 -22.96
CA ASP A 60 6.41 -30.44 -24.10
C ASP A 60 6.27 -31.76 -24.85
N GLU A 61 6.01 -32.86 -24.13
CA GLU A 61 5.86 -34.15 -24.79
C GLU A 61 4.67 -34.16 -25.74
N ASN A 62 3.67 -33.33 -25.47
CA ASN A 62 2.40 -33.39 -26.15
C ASN A 62 2.33 -32.47 -27.36
N MET A 63 3.42 -31.78 -27.69
CA MET A 63 3.45 -30.84 -28.81
C MET A 63 4.38 -31.29 -29.91
N ILE A 64 5.60 -31.70 -29.56
CA ILE A 64 6.64 -31.97 -30.53
C ILE A 64 7.18 -33.38 -30.31
N GLU A 65 8.05 -33.77 -31.24
CA GLU A 65 8.80 -35.00 -31.11
C GLU A 65 9.91 -34.75 -30.12
N THR A 66 9.62 -34.97 -28.84
CA THR A 66 10.61 -34.80 -27.79
C THR A 66 11.51 -36.01 -27.72
N ARG A 67 12.37 -36.02 -26.70
CA ARG A 67 13.30 -37.10 -26.43
C ARG A 67 13.16 -37.53 -24.97
N CYS A 68 14.11 -38.33 -24.53
CA CYS A 68 14.20 -38.76 -23.13
C CYS A 68 15.32 -37.97 -22.47
N VAL A 69 14.97 -37.18 -21.47
CA VAL A 69 15.94 -36.46 -20.64
C VAL A 69 15.63 -36.75 -19.19
N MET A 70 16.59 -37.33 -18.48
CA MET A 70 16.50 -37.50 -17.04
C MET A 70 17.26 -36.35 -16.42
N ASN A 71 16.54 -35.29 -16.09
CA ASN A 71 17.16 -34.06 -15.66
C ASN A 71 17.78 -34.20 -14.27
N ARG A 72 18.62 -33.25 -13.94
CA ARG A 72 19.33 -33.24 -12.67
C ARG A 72 19.45 -31.84 -12.08
N ASN A 73 18.87 -30.82 -12.70
CA ASN A 73 19.05 -29.46 -12.23
C ASN A 73 18.33 -29.27 -10.91
N GLY A 74 19.05 -28.75 -9.91
CA GLY A 74 18.51 -28.66 -8.57
C GLY A 74 17.60 -27.46 -8.42
N VAL A 75 16.50 -27.66 -7.69
CA VAL A 75 15.52 -26.62 -7.43
C VAL A 75 15.68 -26.09 -6.01
N LEU A 76 16.80 -26.42 -5.37
CA LEU A 76 16.96 -26.09 -3.96
C LEU A 76 17.01 -24.60 -3.73
N GLU A 77 17.63 -23.86 -4.64
CA GLU A 77 17.91 -22.45 -4.43
C GLU A 77 16.72 -21.55 -4.75
N ALA A 78 15.65 -22.09 -5.31
CA ALA A 78 14.51 -21.31 -5.72
C ALA A 78 13.41 -21.26 -4.68
N THR A 79 13.51 -22.06 -3.63
CA THR A 79 12.49 -22.03 -2.61
C THR A 79 12.54 -20.72 -1.83
N ILE A 80 11.43 -20.41 -1.16
CA ILE A 80 11.35 -19.16 -0.41
C ILE A 80 12.27 -19.15 0.78
N SER A 81 12.61 -20.33 1.32
CA SER A 81 13.45 -20.37 2.51
C SER A 81 14.83 -19.80 2.24
N HIS A 82 15.40 -20.12 1.08
CA HIS A 82 16.69 -19.62 0.67
C HIS A 82 16.60 -18.40 -0.24
N PHE A 83 15.39 -17.92 -0.52
CA PHE A 83 15.23 -16.70 -1.28
C PHE A 83 15.31 -15.47 -0.41
N PHE A 84 14.85 -15.57 0.83
CA PHE A 84 14.93 -14.51 1.82
C PHE A 84 16.08 -14.72 2.79
N SER A 85 16.88 -15.77 2.63
CA SER A 85 17.98 -16.03 3.53
C SER A 85 19.07 -14.97 3.46
N ARG A 86 19.04 -14.11 2.45
CA ARG A 86 20.03 -13.06 2.31
C ARG A 86 19.71 -11.93 3.27
N SER A 87 20.73 -11.43 3.96
CA SER A 87 20.54 -10.25 4.77
C SER A 87 20.57 -9.02 3.88
N GLY A 88 20.13 -7.89 4.43
CA GLY A 88 19.96 -6.70 3.63
C GLY A 88 19.76 -5.49 4.51
N LEU A 89 20.02 -4.33 3.92
CA LEU A 89 19.93 -3.10 4.68
C LEU A 89 18.49 -2.82 5.03
N VAL A 90 18.29 -2.21 6.20
CA VAL A 90 16.98 -1.89 6.73
C VAL A 90 16.88 -0.42 7.07
N GLY A 91 17.82 0.10 7.84
CA GLY A 91 17.77 1.48 8.26
C GLY A 91 19.16 1.99 8.55
N VAL A 92 19.23 3.30 8.70
CA VAL A 92 20.40 3.97 9.24
C VAL A 92 19.93 4.90 10.33
N VAL A 93 20.79 5.08 11.31
CA VAL A 93 20.59 6.07 12.35
C VAL A 93 21.71 7.09 12.21
N ASN A 94 21.46 8.27 12.77
CA ASN A 94 22.42 9.37 12.72
C ASN A 94 22.61 9.86 14.13
N LEU A 95 23.50 9.19 14.86
CA LEU A 95 23.82 9.58 16.24
C LEU A 95 24.89 10.66 16.16
N THR A 96 24.44 11.89 15.93
CA THR A 96 25.34 13.03 15.79
C THR A 96 25.65 13.56 17.18
N ASP A 97 26.56 12.89 17.86
CA ASP A 97 26.98 13.28 19.20
C ASP A 97 28.13 14.27 19.05
N GLY A 98 27.83 15.54 19.27
CA GLY A 98 28.79 16.61 19.13
C GLY A 98 28.53 17.73 20.11
N GLY A 99 29.09 18.90 19.83
CA GLY A 99 28.92 20.03 20.71
C GLY A 99 27.58 20.69 20.54
N THR A 100 27.13 20.81 19.30
CA THR A 100 25.86 21.46 19.02
C THR A 100 24.69 20.59 19.47
N ASP A 101 24.66 19.34 19.04
CA ASP A 101 23.56 18.43 19.36
C ASP A 101 23.71 17.97 20.81
N THR A 102 22.92 18.58 21.69
CA THR A 102 22.92 18.24 23.11
C THR A 102 21.86 17.20 23.44
N THR A 103 21.85 16.09 22.69
CA THR A 103 20.93 14.97 22.94
C THR A 103 21.69 13.70 23.26
N GLY A 104 22.69 13.35 22.47
CA GLY A 104 23.48 12.17 22.73
C GLY A 104 22.80 10.86 22.45
N TYR A 105 21.63 10.89 21.82
CA TYR A 105 20.90 9.66 21.54
C TYR A 105 20.11 9.84 20.27
N ALA A 106 19.75 8.72 19.65
CA ALA A 106 19.00 8.72 18.41
C ALA A 106 18.10 7.51 18.43
N VAL A 107 16.81 7.76 18.22
CA VAL A 107 15.78 6.72 18.24
C VAL A 107 15.30 6.52 16.82
N TRP A 108 15.11 5.26 16.44
CA TRP A 108 14.66 4.91 15.10
C TRP A 108 13.62 3.81 15.21
N ASP A 109 12.43 4.09 14.69
CA ASP A 109 11.36 3.10 14.68
C ASP A 109 11.59 2.12 13.55
N ILE A 110 11.37 0.84 13.85
CA ILE A 110 11.69 -0.19 12.87
C ILE A 110 10.68 -0.13 11.74
N ASP A 111 11.17 0.14 10.53
CA ASP A 111 10.35 0.12 9.33
C ASP A 111 11.24 -0.35 8.19
N ILE A 112 11.03 -1.60 7.75
CA ILE A 112 11.82 -2.13 6.65
C ILE A 112 11.38 -1.58 5.31
N MET A 113 10.23 -0.90 5.27
CA MET A 113 9.78 -0.28 4.05
C MET A 113 10.62 0.91 3.64
N GLY A 114 11.55 1.36 4.49
CA GLY A 114 12.30 2.56 4.20
C GLY A 114 13.24 2.42 3.03
N PHE A 115 13.72 1.21 2.75
CA PHE A 115 14.66 0.96 1.69
C PHE A 115 14.08 -0.04 0.70
N VAL A 116 14.32 0.21 -0.58
CA VAL A 116 13.55 -0.44 -1.62
C VAL A 116 13.95 -1.89 -1.82
N GLN A 117 15.25 -2.19 -1.76
CA GLN A 117 15.74 -3.46 -2.27
C GLN A 117 15.23 -4.63 -1.44
N LEU A 118 15.09 -4.43 -0.14
CA LEU A 118 14.46 -5.45 0.70
C LEU A 118 12.95 -5.35 0.67
N ARG A 119 12.42 -4.15 0.41
CA ARG A 119 10.98 -3.94 0.40
C ARG A 119 10.35 -4.72 -0.75
N ARG A 120 10.87 -4.56 -1.95
CA ARG A 120 10.28 -5.16 -3.13
C ARG A 120 10.25 -6.67 -3.06
N LYS A 121 11.10 -7.27 -2.24
CA LYS A 121 11.10 -8.72 -2.10
C LYS A 121 9.89 -9.19 -1.29
N CYS A 122 9.65 -8.56 -0.15
CA CYS A 122 8.56 -8.99 0.71
C CYS A 122 7.21 -8.52 0.20
N GLU A 123 7.17 -7.61 -0.77
CA GLU A 123 5.89 -7.23 -1.36
C GLU A 123 5.29 -8.33 -2.19
N MET A 124 6.09 -9.33 -2.58
CA MET A 124 5.58 -10.41 -3.41
C MET A 124 4.63 -11.31 -2.66
N PHE A 125 4.63 -11.26 -1.33
CA PHE A 125 3.81 -12.11 -0.50
C PHE A 125 3.06 -11.25 0.49
N THR A 126 1.76 -11.44 0.55
CA THR A 126 0.91 -10.53 1.30
C THR A 126 1.01 -10.77 2.79
N TYR A 127 0.92 -12.04 3.21
CA TYR A 127 1.08 -12.43 4.60
C TYR A 127 2.35 -13.26 4.72
N MET A 128 3.22 -12.87 5.64
CA MET A 128 4.45 -13.57 5.91
C MET A 128 4.55 -13.85 7.40
N ARG A 129 5.34 -14.87 7.71
CA ARG A 129 5.65 -15.23 9.09
C ARG A 129 7.06 -15.76 9.10
N PHE A 130 7.89 -15.20 9.96
CA PHE A 130 9.31 -15.54 9.96
C PHE A 130 9.92 -15.17 11.30
N ASN A 131 11.15 -15.59 11.49
CA ASN A 131 12.02 -15.12 12.56
C ASN A 131 13.16 -14.35 11.94
N ALA A 132 13.62 -13.32 12.62
CA ALA A 132 14.60 -12.39 12.10
C ALA A 132 15.96 -12.62 12.72
N GLU A 133 16.98 -12.13 12.04
CA GLU A 133 18.37 -12.17 12.52
C GLU A 133 18.95 -10.79 12.21
N PHE A 134 18.86 -9.90 13.18
CA PHE A 134 19.34 -8.55 12.99
C PHE A 134 20.85 -8.50 13.13
N THR A 135 21.44 -7.52 12.47
CA THR A 135 22.88 -7.31 12.53
C THR A 135 23.13 -5.82 12.50
N PHE A 136 23.80 -5.31 13.52
CA PHE A 136 24.06 -3.89 13.69
C PHE A 136 25.53 -3.65 13.39
N VAL A 137 25.82 -3.32 12.14
CA VAL A 137 27.14 -2.84 11.80
C VAL A 137 27.32 -1.46 12.41
N THR A 138 28.56 -1.11 12.71
CA THR A 138 28.88 0.06 13.51
C THR A 138 30.06 0.77 12.91
N THR A 139 29.94 2.07 12.72
CA THR A 139 31.05 2.85 12.19
C THR A 139 30.76 4.33 12.35
N THR A 140 31.78 5.14 12.06
CA THR A 140 31.66 6.58 12.01
C THR A 140 31.33 7.03 10.60
N GLU A 141 31.12 8.33 10.46
CA GLU A 141 30.78 8.89 9.16
C GLU A 141 31.93 8.75 8.19
N ASN A 142 33.16 8.76 8.67
CA ASN A 142 34.33 8.59 7.83
C ASN A 142 34.64 7.12 7.56
N GLY A 143 33.83 6.20 8.03
CA GLY A 143 34.15 4.80 7.97
C GLY A 143 35.14 4.34 9.01
N GLU A 144 35.64 5.25 9.85
CA GLU A 144 36.64 4.92 10.83
C GLU A 144 36.00 4.24 12.03
N ALA A 145 36.69 3.24 12.55
CA ALA A 145 36.39 2.67 13.85
C ALA A 145 37.24 3.37 14.90
N ARG A 146 36.71 3.43 16.11
CA ARG A 146 37.36 4.13 17.22
C ARG A 146 37.19 3.29 18.48
N PRO A 147 38.03 3.52 19.49
CA PRO A 147 37.78 2.85 20.78
C PRO A 147 36.66 3.49 21.58
N PHE A 148 35.44 3.09 21.28
CA PHE A 148 34.27 3.54 22.03
C PHE A 148 33.32 2.36 22.24
N MET A 149 32.28 2.62 23.02
CA MET A 149 31.30 1.61 23.38
C MET A 149 29.91 2.18 23.14
N LEU A 150 29.03 1.33 22.63
CA LEU A 150 27.66 1.70 22.32
C LEU A 150 26.67 0.83 23.08
N GLN A 151 25.46 1.34 23.17
CA GLN A 151 24.33 0.64 23.76
C GLN A 151 23.19 0.65 22.76
N TYR A 152 22.50 -0.48 22.66
CA TYR A 152 21.46 -0.70 21.66
C TYR A 152 20.27 -1.31 22.37
N MET A 153 19.35 -0.47 22.82
CA MET A 153 18.19 -0.93 23.56
C MET A 153 16.98 -1.01 22.64
N TYR A 154 16.26 -2.12 22.72
CA TYR A 154 14.96 -2.25 22.07
C TYR A 154 13.90 -1.70 22.99
N VAL A 155 13.09 -0.78 22.47
CA VAL A 155 12.05 -0.10 23.22
C VAL A 155 10.72 -0.57 22.64
N PRO A 156 10.04 -1.54 23.24
CA PRO A 156 8.80 -2.02 22.67
C PRO A 156 7.72 -0.96 22.73
N PRO A 157 6.59 -1.19 22.07
CA PRO A 157 5.47 -0.24 22.17
C PRO A 157 4.94 -0.19 23.60
N GLY A 158 4.81 1.02 24.11
CA GLY A 158 4.34 1.27 25.46
C GLY A 158 5.46 1.54 26.44
N ALA A 159 6.67 1.12 26.13
CA ALA A 159 7.78 1.38 27.02
C ALA A 159 8.06 2.88 27.07
N PRO A 160 8.68 3.36 28.15
CA PRO A 160 9.16 4.74 28.14
C PRO A 160 10.33 4.87 27.19
N LYS A 161 10.23 5.83 26.29
CA LYS A 161 11.32 6.07 25.37
C LYS A 161 12.43 6.83 26.08
N PRO A 162 13.68 6.69 25.66
CA PRO A 162 14.73 7.50 26.27
C PRO A 162 14.53 8.97 25.99
N THR A 163 15.02 9.79 26.92
CA THR A 163 14.88 11.23 26.87
C THR A 163 16.18 11.95 26.59
N GLY A 164 17.30 11.38 26.98
CA GLY A 164 18.58 11.99 26.78
C GLY A 164 19.69 10.97 26.88
N ARG A 165 20.89 11.47 27.15
CA ARG A 165 22.04 10.57 27.23
C ARG A 165 22.15 9.90 28.59
N ASP A 166 21.79 10.62 29.66
CA ASP A 166 21.85 10.10 31.02
C ASP A 166 20.50 9.57 31.48
N ALA A 167 19.66 9.13 30.57
CA ALA A 167 18.31 8.77 30.92
C ALA A 167 18.26 7.50 31.74
N PHE A 168 17.22 7.39 32.55
CA PHE A 168 17.05 6.21 33.40
C PHE A 168 16.60 4.99 32.62
N GLN A 169 16.08 5.17 31.40
CA GLN A 169 15.69 4.02 30.61
C GLN A 169 16.88 3.14 30.23
N TRP A 170 18.09 3.69 30.23
CA TRP A 170 19.27 2.89 29.94
C TRP A 170 19.67 1.98 31.08
N GLN A 171 18.94 2.01 32.20
CA GLN A 171 19.17 1.02 33.25
C GLN A 171 18.75 -0.38 32.80
N THR A 172 17.78 -0.44 31.88
CA THR A 172 17.40 -1.63 31.10
C THR A 172 17.35 -2.90 31.94
N ALA A 173 16.60 -2.85 33.04
CA ALA A 173 16.40 -4.03 33.87
C ALA A 173 15.38 -4.99 33.28
N THR A 174 14.59 -4.54 32.31
CA THR A 174 13.68 -5.39 31.57
C THR A 174 13.87 -5.31 30.07
N ASN A 175 14.18 -4.14 29.54
CA ASN A 175 14.33 -4.03 28.11
C ASN A 175 15.62 -4.71 27.67
N PRO A 176 15.59 -5.54 26.62
CA PRO A 176 16.83 -6.13 26.13
C PRO A 176 17.71 -5.06 25.51
N SER A 177 19.00 -5.12 25.85
CA SER A 177 19.98 -4.17 25.34
C SER A 177 21.24 -4.91 24.93
N VAL A 178 21.93 -4.33 23.95
CA VAL A 178 23.19 -4.86 23.44
C VAL A 178 24.26 -3.84 23.75
N PHE A 179 25.19 -4.21 24.63
CA PHE A 179 26.36 -3.40 24.91
C PHE A 179 27.51 -3.94 24.08
N VAL A 180 28.05 -3.10 23.20
CA VAL A 180 29.04 -3.54 22.23
C VAL A 180 30.02 -2.40 21.99
N LYS A 181 31.22 -2.78 21.61
CA LYS A 181 32.28 -1.84 21.27
C LYS A 181 32.27 -1.58 19.77
N LEU A 182 32.96 -0.50 19.40
CA LEU A 182 33.06 -0.04 18.04
C LEU A 182 34.27 -0.59 17.31
N THR A 183 35.22 -1.18 18.04
CA THR A 183 36.32 -1.94 17.47
C THR A 183 36.01 -3.42 17.39
N ASP A 184 34.74 -3.74 17.25
CA ASP A 184 34.19 -5.07 17.38
C ASP A 184 33.66 -5.54 16.03
N PRO A 185 33.75 -6.82 15.70
CA PRO A 185 32.90 -7.35 14.65
C PRO A 185 31.45 -7.00 14.90
N PRO A 186 30.63 -6.95 13.85
CA PRO A 186 29.26 -6.47 14.03
C PRO A 186 28.46 -7.34 14.98
N ALA A 187 27.67 -6.67 15.81
CA ALA A 187 26.74 -7.38 16.67
C ALA A 187 25.66 -8.03 15.83
N GLN A 188 25.23 -9.20 16.27
CA GLN A 188 24.25 -10.00 15.56
C GLN A 188 23.32 -10.61 16.58
N VAL A 189 22.02 -10.52 16.31
CA VAL A 189 20.99 -10.93 17.25
C VAL A 189 19.88 -11.61 16.47
N SER A 190 19.37 -12.70 16.99
CA SER A 190 18.18 -13.33 16.45
C SER A 190 16.96 -12.74 17.14
N VAL A 191 15.89 -12.61 16.37
CA VAL A 191 14.65 -11.99 16.85
C VAL A 191 13.49 -12.92 16.47
N PRO A 192 12.54 -13.19 17.36
CA PRO A 192 11.43 -14.06 17.00
C PRO A 192 10.28 -13.33 16.36
N PHE A 193 9.22 -14.07 16.07
CA PHE A 193 8.00 -13.52 15.49
C PHE A 193 7.17 -12.94 16.62
N MET A 194 7.27 -11.63 16.82
CA MET A 194 6.68 -10.96 17.97
C MET A 194 5.48 -10.13 17.56
N SER A 195 4.71 -10.63 16.68
CA SER A 195 3.48 -9.94 16.34
C SER A 195 2.41 -10.24 17.37
N PRO A 196 1.47 -9.31 17.58
CA PRO A 196 0.25 -9.68 18.30
C PRO A 196 -0.69 -10.51 17.46
N ALA A 197 -0.53 -10.48 16.14
CA ALA A 197 -1.35 -11.26 15.24
C ALA A 197 -0.68 -12.61 15.00
N SER A 198 -1.33 -13.42 14.18
CA SER A 198 -0.80 -14.73 13.80
C SER A 198 0.17 -14.66 12.65
N ALA A 199 0.11 -13.61 11.84
CA ALA A 199 1.00 -13.46 10.72
C ALA A 199 1.10 -11.99 10.35
N TYR A 200 2.26 -11.59 9.84
CA TYR A 200 2.46 -10.21 9.45
C TYR A 200 1.56 -9.87 8.26
N GLN A 201 1.24 -8.58 8.15
CA GLN A 201 0.46 -8.07 7.04
C GLN A 201 1.10 -6.81 6.53
N TRP A 202 1.52 -6.83 5.27
CA TRP A 202 2.04 -5.66 4.60
C TRP A 202 0.94 -4.77 4.05
N PHE A 203 -0.32 -5.18 4.16
CA PHE A 203 -1.43 -4.45 3.58
C PHE A 203 -2.64 -4.57 4.50
N TYR A 204 -3.49 -3.55 4.44
CA TYR A 204 -4.67 -3.50 5.29
C TYR A 204 -5.70 -2.63 4.60
N ASP A 205 -6.78 -3.25 4.12
CA ASP A 205 -7.79 -2.55 3.34
C ASP A 205 -8.78 -1.87 4.28
N GLY A 206 -8.26 -0.99 5.11
CA GLY A 206 -9.12 -0.33 6.06
C GLY A 206 -8.34 0.47 7.07
N TYR A 207 -8.96 0.63 8.23
CA TYR A 207 -8.51 1.53 9.27
C TYR A 207 -8.32 0.80 10.59
N PRO A 208 -7.44 1.31 11.44
CA PRO A 208 -7.31 0.71 12.77
C PRO A 208 -8.50 0.99 13.66
N THR A 209 -9.09 2.17 13.56
CA THR A 209 -10.15 2.60 14.45
C THR A 209 -11.50 2.58 13.77
N PHE A 210 -12.52 2.76 14.58
CA PHE A 210 -13.89 2.90 14.12
C PHE A 210 -14.17 4.40 13.91
N GLY A 211 -15.42 4.74 13.66
CA GLY A 211 -15.81 6.13 13.63
C GLY A 211 -15.68 6.72 12.24
N GLN A 212 -15.86 8.04 12.21
CA GLN A 212 -15.78 8.77 10.96
C GLN A 212 -14.38 8.68 10.38
N HIS A 213 -14.31 8.83 9.06
CA HIS A 213 -13.05 8.88 8.33
C HIS A 213 -13.17 9.92 7.23
N PRO A 214 -12.34 10.96 7.20
CA PRO A 214 -12.55 12.03 6.23
C PRO A 214 -12.11 11.62 4.85
N GLU A 215 -12.50 12.43 3.88
CA GLU A 215 -12.22 12.20 2.47
C GLU A 215 -11.26 13.20 1.87
N THR A 216 -10.75 14.15 2.66
CA THR A 216 -9.82 15.16 2.17
C THR A 216 -8.37 14.72 2.31
N SER A 217 -8.05 14.03 3.39
CA SER A 217 -6.70 13.52 3.60
C SER A 217 -6.84 12.39 4.62
N ASN A 218 -6.50 11.19 4.18
CA ASN A 218 -6.73 9.98 4.97
C ASN A 218 -5.37 9.44 5.39
N THR A 219 -4.86 9.99 6.49
CA THR A 219 -3.54 9.62 6.96
C THR A 219 -3.54 8.34 7.76
N THR A 220 -4.69 7.90 8.24
CA THR A 220 -4.81 6.68 9.01
C THR A 220 -5.11 5.46 8.15
N TYR A 221 -5.17 5.63 6.83
CA TYR A 221 -5.49 4.52 5.94
C TYR A 221 -4.32 3.57 5.81
N GLY A 222 -4.64 2.30 5.63
CA GLY A 222 -3.64 1.31 5.31
C GLY A 222 -2.55 1.14 6.33
N GLN A 223 -2.82 1.45 7.58
CA GLN A 223 -1.86 1.33 8.68
C GLN A 223 -2.39 0.35 9.70
N CYS A 224 -2.12 -0.92 9.48
CA CYS A 224 -2.37 -1.92 10.49
C CYS A 224 -1.25 -1.86 11.54
N PRO A 225 -1.56 -1.96 12.83
CA PRO A 225 -0.49 -1.98 13.83
C PRO A 225 0.11 -3.33 14.15
N ASN A 226 -0.48 -4.43 13.66
CA ASN A 226 0.04 -5.75 14.02
C ASN A 226 1.46 -5.94 13.54
N ASN A 227 1.85 -5.25 12.49
CA ASN A 227 3.22 -5.24 12.02
C ASN A 227 4.02 -4.10 12.62
N MET A 228 3.36 -2.99 12.96
CA MET A 228 4.00 -1.87 13.63
C MET A 228 4.39 -2.28 15.04
N MET A 229 5.69 -2.36 15.29
CA MET A 229 6.21 -3.10 16.44
C MET A 229 7.33 -2.33 17.15
N GLY A 230 7.09 -1.06 17.44
CA GLY A 230 7.90 -0.36 18.40
C GLY A 230 9.18 0.19 17.83
N THR A 231 10.03 0.69 18.74
CA THR A 231 11.20 1.47 18.39
C THR A 231 12.46 0.80 18.92
N PHE A 232 13.59 1.42 18.57
CA PHE A 232 14.91 0.85 18.80
C PHE A 232 15.89 2.01 18.91
N ALA A 233 16.54 2.13 20.06
CA ALA A 233 17.30 3.32 20.40
C ALA A 233 18.76 2.98 20.61
N VAL A 234 19.60 4.00 20.47
CA VAL A 234 21.05 3.86 20.59
C VAL A 234 21.59 5.10 21.27
N ARG A 235 22.59 4.89 22.13
CA ARG A 235 23.43 5.97 22.63
C ARG A 235 24.85 5.44 22.74
N VAL A 236 25.77 6.37 22.87
CA VAL A 236 27.11 6.04 23.32
C VAL A 236 27.09 6.00 24.85
N VAL A 237 27.81 5.04 25.41
CA VAL A 237 27.78 4.82 26.85
C VAL A 237 28.70 5.84 27.51
N SER A 238 28.13 6.98 27.90
CA SER A 238 28.88 8.08 28.46
C SER A 238 27.91 9.12 28.96
N ARG A 239 28.22 9.72 30.11
CA ARG A 239 27.38 10.77 30.66
C ARG A 239 27.77 12.16 30.18
N VAL A 240 28.97 12.33 29.62
CA VAL A 240 29.36 13.55 28.95
C VAL A 240 29.64 13.23 27.50
N ALA A 241 29.46 14.23 26.64
CA ALA A 241 29.41 14.00 25.21
C ALA A 241 30.82 13.96 24.64
N SER A 242 31.07 12.95 23.79
CA SER A 242 32.26 12.86 22.99
C SER A 242 31.92 13.27 21.56
N GLN A 243 32.79 14.06 20.96
CA GLN A 243 32.48 14.70 19.69
C GLN A 243 32.81 13.74 18.55
N LEU A 244 31.80 13.05 18.06
CA LEU A 244 31.97 12.19 16.89
C LEU A 244 30.64 12.04 16.19
N LYS A 245 30.70 12.02 14.86
CA LYS A 245 29.52 11.88 14.01
C LYS A 245 29.38 10.42 13.63
N LEU A 246 28.42 9.75 14.25
CA LEU A 246 28.23 8.31 14.10
C LEU A 246 27.04 8.02 13.23
N GLN A 247 27.11 6.88 12.55
CA GLN A 247 26.05 6.46 11.62
C GLN A 247 26.16 4.94 11.48
N THR A 248 25.25 4.23 12.12
CA THR A 248 25.26 2.78 12.13
C THR A 248 24.14 2.25 11.27
N ARG A 249 24.49 1.44 10.28
CA ARG A 249 23.51 0.74 9.48
C ARG A 249 23.01 -0.45 10.27
N VAL A 250 21.78 -0.87 10.00
CA VAL A 250 21.18 -2.03 10.62
C VAL A 250 20.70 -2.96 9.53
N TYR A 251 21.08 -4.23 9.64
CA TYR A 251 20.77 -5.26 8.67
C TYR A 251 19.97 -6.35 9.34
N MET A 252 19.12 -7.02 8.56
CA MET A 252 18.34 -8.13 9.04
C MET A 252 18.34 -9.26 8.02
N LYS A 253 18.17 -10.46 8.54
CA LYS A 253 17.92 -11.66 7.76
C LYS A 253 16.55 -12.18 8.13
N LEU A 254 15.94 -12.91 7.20
CA LEU A 254 14.66 -13.57 7.42
C LEU A 254 14.89 -15.07 7.36
N LYS A 255 14.52 -15.77 8.42
CA LYS A 255 14.67 -17.21 8.49
C LYS A 255 13.39 -17.85 9.03
N HIS A 256 13.22 -19.12 8.70
CA HIS A 256 12.03 -19.88 9.02
C HIS A 256 10.80 -19.21 8.42
N VAL A 257 10.96 -18.72 7.20
CA VAL A 257 9.93 -17.90 6.58
C VAL A 257 8.82 -18.78 6.05
N ARG A 258 7.59 -18.29 6.19
CA ARG A 258 6.39 -18.92 5.65
C ARG A 258 5.53 -17.84 5.04
N ALA A 259 5.37 -17.89 3.73
CA ALA A 259 4.62 -16.89 2.99
C ALA A 259 3.21 -17.37 2.73
N TRP A 260 2.40 -16.45 2.21
CA TRP A 260 1.00 -16.72 1.92
C TRP A 260 0.50 -15.68 0.94
N ILE A 261 -0.39 -16.11 0.04
CA ILE A 261 -1.11 -15.23 -0.88
C ILE A 261 -0.12 -14.40 -1.68
N PRO A 262 0.54 -14.97 -2.68
CA PRO A 262 1.49 -14.18 -3.46
C PRO A 262 0.82 -13.02 -4.17
N ARG A 263 1.55 -11.95 -4.24
CA ARG A 263 1.19 -10.65 -4.74
C ARG A 263 2.10 -10.28 -5.90
N PRO A 264 1.63 -9.57 -6.91
CA PRO A 264 2.53 -9.15 -7.99
C PRO A 264 3.64 -8.24 -7.49
N ILE A 265 4.64 -8.10 -8.34
CA ILE A 265 5.79 -7.27 -8.01
C ILE A 265 5.49 -5.83 -8.39
N ARG A 266 5.81 -4.91 -7.50
CA ARG A 266 5.62 -3.50 -7.78
C ARG A 266 6.64 -3.02 -8.80
N SER A 267 6.13 -2.40 -9.86
CA SER A 267 6.96 -1.82 -10.90
C SER A 267 7.19 -0.33 -10.72
N GLN A 268 6.18 0.41 -10.27
CA GLN A 268 6.34 1.84 -10.14
C GLN A 268 7.31 2.16 -9.02
N PRO A 269 8.00 3.30 -9.09
CA PRO A 269 8.94 3.63 -8.02
C PRO A 269 8.19 4.00 -6.75
N TYR A 270 8.85 3.77 -5.62
CA TYR A 270 8.30 4.13 -4.33
C TYR A 270 8.52 5.61 -4.05
N LEU A 271 7.55 6.21 -3.36
CA LEU A 271 7.59 7.60 -2.98
C LEU A 271 7.44 7.82 -1.49
N LEU A 272 6.74 6.94 -0.79
CA LEU A 272 6.56 7.05 0.64
C LEU A 272 6.89 5.73 1.32
N LYS A 273 6.77 5.68 2.64
CA LYS A 273 7.18 4.53 3.43
C LYS A 273 6.03 3.58 3.69
N ASN A 274 4.99 4.05 4.36
CA ASN A 274 3.86 3.22 4.74
C ASN A 274 2.69 3.30 3.78
N PHE A 275 2.84 4.01 2.66
CA PHE A 275 1.79 4.14 1.66
C PHE A 275 2.38 3.90 0.27
N PRO A 276 1.74 3.05 -0.59
CA PRO A 276 2.31 2.71 -1.89
C PRO A 276 2.00 3.73 -2.98
N ASN A 277 2.24 4.99 -2.69
CA ASN A 277 1.77 6.05 -3.58
C ASN A 277 2.71 6.24 -4.75
N TYR A 278 2.15 6.10 -5.94
CA TYR A 278 2.82 6.41 -7.20
C TYR A 278 2.38 7.78 -7.67
N ASP A 279 2.83 8.16 -8.86
CA ASP A 279 2.56 9.46 -9.45
C ASP A 279 1.89 9.28 -10.80
N SER A 280 0.75 9.96 -10.97
CA SER A 280 0.02 9.85 -12.22
C SER A 280 0.72 10.54 -13.38
N SER A 281 1.62 11.49 -13.09
CA SER A 281 2.24 12.24 -14.15
C SER A 281 3.35 11.47 -14.85
N LYS A 282 4.00 10.56 -14.13
CA LYS A 282 5.09 9.73 -14.67
C LYS A 282 4.76 8.28 -14.36
N ILE A 283 4.00 7.65 -15.25
CA ILE A 283 3.73 6.23 -15.14
C ILE A 283 4.90 5.50 -15.78
N THR A 284 5.69 4.81 -14.97
CA THR A 284 6.82 4.07 -15.49
C THR A 284 6.31 2.78 -16.11
N TYR A 285 6.30 2.73 -17.45
CA TYR A 285 5.86 1.52 -18.13
C TYR A 285 6.90 0.43 -17.93
N SER A 286 6.40 -0.77 -17.59
CA SER A 286 7.28 -1.88 -17.23
C SER A 286 8.18 -2.26 -18.39
N ALA A 287 7.58 -2.49 -19.56
CA ALA A 287 8.34 -2.89 -20.72
C ALA A 287 9.00 -1.69 -21.37
N ARG A 288 10.21 -1.90 -21.86
CA ARG A 288 10.89 -0.88 -22.64
C ARG A 288 10.17 -0.68 -23.96
N ASP A 289 10.23 0.54 -24.47
CA ASP A 289 9.53 0.88 -25.70
C ASP A 289 10.33 0.41 -26.90
N ARG A 290 9.66 -0.26 -27.81
CA ARG A 290 10.25 -0.80 -29.01
C ARG A 290 9.94 0.12 -30.18
N ALA A 291 10.36 -0.27 -31.38
CA ALA A 291 10.15 0.55 -32.56
C ALA A 291 8.73 0.38 -33.09
N SER A 292 8.41 -0.84 -33.52
CA SER A 292 7.08 -1.20 -33.96
C SER A 292 6.79 -2.58 -33.40
N ILE A 293 5.65 -3.13 -33.78
CA ILE A 293 5.24 -4.39 -33.19
C ILE A 293 6.08 -5.54 -33.75
N LYS A 294 6.33 -5.53 -35.04
CA LYS A 294 7.05 -6.61 -35.72
C LYS A 294 8.52 -6.26 -35.93
N GLN A 295 9.20 -5.82 -34.87
CA GLN A 295 10.62 -5.49 -34.92
C GLN A 295 11.34 -5.93 -33.65
N ALA A 296 11.20 -7.19 -33.28
CA ALA A 296 11.91 -7.75 -32.15
C ALA A 296 13.41 -7.50 -32.27
N ASN A 297 13.94 -6.75 -31.31
CA ASN A 297 15.36 -6.38 -31.30
C ASN A 297 16.27 -7.60 -31.27
N SER B 10 -22.88 -29.75 -22.03
CA SER B 10 -22.74 -30.66 -20.90
C SER B 10 -21.86 -30.08 -19.80
N ASP B 11 -21.01 -29.11 -20.16
CA ASP B 11 -20.25 -28.32 -19.21
C ASP B 11 -20.57 -26.83 -19.25
N ARG B 12 -21.24 -26.37 -20.29
CA ARG B 12 -21.51 -24.94 -20.41
C ARG B 12 -22.57 -24.49 -19.42
N VAL B 13 -23.58 -25.32 -19.18
CA VAL B 13 -24.59 -25.00 -18.18
C VAL B 13 -23.94 -24.92 -16.82
N ALA B 14 -24.63 -24.28 -15.89
CA ALA B 14 -24.16 -24.18 -14.53
C ALA B 14 -25.31 -23.79 -13.63
N GLN B 15 -25.42 -24.46 -12.49
CA GLN B 15 -26.49 -24.24 -11.52
C GLN B 15 -25.83 -24.08 -10.16
N LEU B 16 -25.79 -22.84 -9.68
CA LEU B 16 -25.40 -22.53 -8.32
C LEU B 16 -26.62 -22.03 -7.57
N THR B 17 -26.88 -22.62 -6.42
CA THR B 17 -28.02 -22.21 -5.58
C THR B 17 -27.54 -22.18 -4.15
N VAL B 18 -27.59 -21.00 -3.55
CA VAL B 18 -27.24 -20.78 -2.16
C VAL B 18 -28.37 -19.99 -1.54
N GLY B 19 -28.82 -20.41 -0.37
CA GLY B 19 -29.94 -19.75 0.25
C GLY B 19 -31.17 -19.93 -0.61
N ASN B 20 -32.12 -19.03 -0.47
CA ASN B 20 -33.32 -19.08 -1.28
C ASN B 20 -33.08 -18.72 -2.73
N SER B 21 -31.87 -18.25 -3.07
CA SER B 21 -31.57 -17.89 -4.44
C SER B 21 -31.19 -19.12 -5.24
N SER B 22 -31.18 -18.95 -6.56
CA SER B 22 -30.76 -20.02 -7.45
C SER B 22 -30.32 -19.37 -8.76
N ILE B 23 -29.01 -19.21 -8.94
CA ILE B 23 -28.47 -18.57 -10.14
C ILE B 23 -28.15 -19.63 -11.17
N THR B 24 -28.30 -19.27 -12.43
CA THR B 24 -27.96 -20.14 -13.54
C THR B 24 -27.30 -19.32 -14.64
N THR B 25 -26.28 -19.90 -15.24
CA THR B 25 -25.63 -19.34 -16.41
C THR B 25 -25.39 -20.47 -17.39
N GLN B 26 -25.70 -20.21 -18.65
CA GLN B 26 -25.74 -21.22 -19.68
C GLN B 26 -24.55 -21.19 -20.62
N GLU B 27 -23.99 -20.01 -20.84
CA GLU B 27 -22.89 -19.83 -21.78
C GLU B 27 -21.54 -19.85 -21.07
N ALA B 28 -21.46 -19.28 -19.88
CA ALA B 28 -20.21 -19.27 -19.16
C ALA B 28 -19.91 -20.64 -18.61
N ALA B 29 -18.62 -20.98 -18.52
CA ALA B 29 -18.23 -22.30 -17.98
C ALA B 29 -16.97 -22.16 -17.10
N ASN B 30 -16.78 -23.14 -16.22
CA ASN B 30 -15.59 -23.30 -15.32
C ASN B 30 -15.55 -22.36 -14.11
N ILE B 31 -15.99 -22.88 -12.96
CA ILE B 31 -15.87 -22.28 -11.65
C ILE B 31 -14.41 -22.41 -11.26
N VAL B 32 -13.83 -21.30 -10.85
CA VAL B 32 -12.47 -21.27 -10.34
C VAL B 32 -12.53 -20.99 -8.85
N LEU B 33 -11.89 -21.86 -8.08
CA LEU B 33 -11.88 -21.79 -6.63
C LEU B 33 -10.53 -21.25 -6.19
N ALA B 34 -10.57 -20.15 -5.43
CA ALA B 34 -9.34 -19.49 -5.02
C ALA B 34 -8.53 -20.39 -4.12
N TYR B 35 -7.35 -20.77 -4.60
CA TYR B 35 -6.33 -21.45 -3.81
C TYR B 35 -6.75 -22.83 -3.34
N GLY B 36 -7.76 -23.42 -3.95
CA GLY B 36 -8.00 -24.84 -3.77
C GLY B 36 -8.50 -25.26 -2.42
N GLU B 37 -9.05 -24.34 -1.63
CA GLU B 37 -9.60 -24.63 -0.31
C GLU B 37 -11.00 -24.07 -0.21
N TRP B 38 -11.95 -24.95 0.07
CA TRP B 38 -13.32 -24.50 0.23
C TRP B 38 -13.43 -23.57 1.43
N PRO B 39 -14.51 -22.79 1.51
CA PRO B 39 -14.74 -22.00 2.72
C PRO B 39 -15.24 -22.89 3.83
N GLU B 40 -14.61 -22.77 4.99
CA GLU B 40 -14.94 -23.59 6.15
C GLU B 40 -15.08 -22.70 7.38
N TYR B 41 -15.77 -23.25 8.36
CA TYR B 41 -15.98 -22.54 9.61
C TYR B 41 -14.67 -22.45 10.36
N CYS B 42 -14.68 -21.64 11.41
CA CYS B 42 -13.51 -21.49 12.25
C CYS B 42 -13.30 -22.77 13.05
N PRO B 43 -12.14 -23.41 12.97
CA PRO B 43 -11.94 -24.63 13.74
C PRO B 43 -11.83 -24.33 15.22
N ASP B 44 -12.10 -25.36 16.02
CA ASP B 44 -12.08 -25.20 17.46
C ASP B 44 -10.70 -24.84 17.97
N THR B 45 -9.65 -25.37 17.35
CA THR B 45 -8.32 -25.26 17.90
C THR B 45 -7.64 -23.94 17.61
N ASP B 46 -8.30 -23.02 16.92
CA ASP B 46 -7.69 -21.77 16.50
C ASP B 46 -8.48 -20.53 16.87
N ALA B 47 -9.77 -20.65 17.16
CA ALA B 47 -10.57 -19.48 17.46
C ALA B 47 -10.15 -18.87 18.78
N THR B 48 -10.44 -17.59 18.93
CA THR B 48 -10.06 -16.83 20.11
C THR B 48 -11.29 -16.25 20.78
N ALA B 49 -12.31 -15.93 20.00
CA ALA B 49 -13.56 -15.41 20.53
C ALA B 49 -14.17 -16.49 21.41
N VAL B 50 -14.08 -16.29 22.71
CA VAL B 50 -14.49 -17.32 23.65
C VAL B 50 -16.00 -17.49 23.63
N ASP B 51 -16.75 -16.44 23.30
CA ASP B 51 -18.19 -16.59 23.27
C ASP B 51 -18.62 -17.40 22.05
N LYS B 52 -19.82 -17.92 22.12
CA LYS B 52 -20.38 -18.67 21.02
C LYS B 52 -20.61 -17.74 19.84
N PRO B 53 -20.14 -18.08 18.64
CA PRO B 53 -20.55 -17.34 17.45
C PRO B 53 -21.82 -17.91 16.86
N THR B 54 -22.38 -17.15 15.92
CA THR B 54 -23.70 -17.43 15.37
C THR B 54 -23.60 -17.87 13.92
N ARG B 55 -24.50 -18.76 13.53
CA ARG B 55 -24.48 -19.41 12.21
C ARG B 55 -25.88 -19.37 11.63
N PRO B 56 -26.29 -18.25 11.05
CA PRO B 56 -27.64 -18.19 10.44
C PRO B 56 -27.74 -19.09 9.23
N ASP B 57 -26.80 -18.93 8.31
CA ASP B 57 -26.51 -19.85 7.21
C ASP B 57 -27.52 -19.82 6.06
N VAL B 58 -28.65 -19.12 6.22
CA VAL B 58 -29.65 -19.04 5.16
C VAL B 58 -30.03 -17.59 4.89
N SER B 59 -30.31 -16.85 5.96
CA SER B 59 -30.68 -15.45 5.79
C SER B 59 -29.57 -14.66 5.14
N VAL B 60 -28.34 -14.93 5.56
CA VAL B 60 -27.19 -14.16 5.08
C VAL B 60 -26.60 -14.76 3.82
N ASN B 61 -26.57 -16.08 3.72
CA ASN B 61 -25.98 -16.78 2.57
C ASN B 61 -26.97 -16.78 1.41
N ARG B 62 -27.16 -15.60 0.84
CA ARG B 62 -27.98 -15.37 -0.34
C ARG B 62 -27.14 -14.72 -1.42
N PHE B 63 -27.71 -14.67 -2.62
CA PHE B 63 -27.06 -14.05 -3.76
C PHE B 63 -27.58 -12.62 -3.87
N TYR B 64 -26.93 -11.73 -3.13
CA TYR B 64 -27.24 -10.32 -3.26
C TYR B 64 -26.62 -9.77 -4.54
N THR B 65 -27.40 -8.99 -5.26
CA THR B 65 -27.03 -8.43 -6.56
C THR B 65 -26.72 -6.95 -6.42
N LEU B 66 -25.51 -6.57 -6.80
CA LEU B 66 -25.14 -5.17 -6.78
C LEU B 66 -25.72 -4.45 -7.99
N ASP B 67 -25.36 -3.18 -8.14
CA ASP B 67 -25.93 -2.36 -9.18
C ASP B 67 -25.25 -2.60 -10.51
N SER B 68 -25.97 -2.30 -11.59
CA SER B 68 -25.42 -2.46 -12.92
C SER B 68 -24.51 -1.29 -13.26
N LYS B 69 -23.34 -1.61 -13.82
CA LYS B 69 -22.38 -0.63 -14.29
C LYS B 69 -22.29 -0.74 -15.79
N MET B 70 -22.54 0.37 -16.48
CA MET B 70 -22.57 0.34 -17.94
C MET B 70 -21.17 0.40 -18.52
N TRP B 71 -20.97 -0.36 -19.59
CA TRP B 71 -19.69 -0.47 -20.25
C TRP B 71 -19.75 0.38 -21.52
N GLN B 72 -18.87 1.36 -21.61
CA GLN B 72 -18.72 2.19 -22.79
C GLN B 72 -17.43 1.84 -23.52
N GLU B 73 -17.33 2.32 -24.75
CA GLU B 73 -16.18 2.01 -25.59
C GLU B 73 -14.89 2.63 -25.10
N ASN B 74 -14.96 3.62 -24.20
CA ASN B 74 -13.79 4.26 -23.62
C ASN B 74 -13.76 4.09 -22.11
N SER B 75 -14.35 3.00 -21.62
CA SER B 75 -14.40 2.80 -20.18
C SER B 75 -13.03 2.38 -19.67
N THR B 76 -12.88 2.53 -18.35
CA THR B 76 -11.60 2.33 -17.67
C THR B 76 -11.62 1.13 -16.75
N GLY B 77 -12.61 1.04 -15.88
CA GLY B 77 -12.73 -0.07 -14.98
C GLY B 77 -13.56 0.27 -13.77
N TRP B 78 -13.88 -0.75 -13.01
CA TRP B 78 -14.59 -0.60 -11.75
C TRP B 78 -13.94 -1.49 -10.70
N TYR B 79 -14.34 -1.27 -9.46
CA TYR B 79 -13.87 -2.11 -8.37
C TYR B 79 -14.79 -1.96 -7.19
N TRP B 80 -14.74 -2.96 -6.33
CA TRP B 80 -15.52 -3.01 -5.11
C TRP B 80 -14.63 -3.47 -3.97
N LYS B 81 -15.20 -3.46 -2.77
CA LYS B 81 -14.53 -3.96 -1.58
C LYS B 81 -15.49 -4.85 -0.82
N PHE B 82 -14.94 -5.85 -0.14
CA PHE B 82 -15.72 -6.85 0.52
C PHE B 82 -15.29 -6.98 1.97
N PRO B 83 -16.22 -7.10 2.93
CA PRO B 83 -17.68 -7.14 2.86
C PRO B 83 -18.30 -5.76 2.91
N ASP B 84 -17.53 -4.76 2.47
CA ASP B 84 -17.98 -3.38 2.60
C ASP B 84 -19.22 -3.10 1.77
N VAL B 85 -19.35 -3.77 0.63
CA VAL B 85 -20.50 -3.56 -0.23
C VAL B 85 -21.82 -3.93 0.45
N LEU B 86 -21.76 -4.80 1.47
CA LEU B 86 -22.94 -5.24 2.19
C LEU B 86 -22.76 -4.85 3.66
N ASN B 87 -23.16 -3.63 3.98
CA ASN B 87 -23.32 -3.22 5.37
C ASN B 87 -24.55 -2.39 5.61
N LYS B 88 -25.18 -1.84 4.57
CA LYS B 88 -26.42 -1.11 4.69
C LYS B 88 -27.62 -1.93 4.26
N THR B 89 -27.42 -2.95 3.42
CA THR B 89 -28.49 -3.73 2.84
C THR B 89 -28.46 -5.15 3.37
N GLY B 90 -29.59 -5.81 3.24
CA GLY B 90 -29.68 -7.21 3.58
C GLY B 90 -29.56 -7.47 5.06
N VAL B 91 -30.03 -8.65 5.47
CA VAL B 91 -29.86 -9.07 6.86
C VAL B 91 -28.39 -9.16 7.21
N PHE B 92 -27.52 -9.42 6.24
CA PHE B 92 -26.10 -9.44 6.50
C PHE B 92 -25.60 -8.06 6.88
N GLY B 93 -26.20 -7.02 6.31
CA GLY B 93 -25.86 -5.68 6.73
C GLY B 93 -26.25 -5.43 8.17
N GLN B 94 -27.48 -5.78 8.53
CA GLN B 94 -27.94 -5.61 9.89
C GLN B 94 -27.27 -6.57 10.86
N ASN B 95 -26.54 -7.57 10.36
CA ASN B 95 -25.80 -8.48 11.22
C ASN B 95 -24.37 -8.01 11.44
N ALA B 96 -23.80 -7.29 10.48
CA ALA B 96 -22.44 -6.81 10.62
C ALA B 96 -22.38 -5.53 11.43
N GLN B 97 -23.43 -4.73 11.42
CA GLN B 97 -23.49 -3.53 12.23
C GLN B 97 -23.66 -3.83 13.70
N PHE B 98 -24.07 -5.05 14.04
CA PHE B 98 -24.33 -5.46 15.41
C PHE B 98 -23.29 -6.42 15.96
N HIS B 99 -22.17 -6.59 15.27
CA HIS B 99 -21.17 -7.55 15.69
C HIS B 99 -19.78 -7.04 15.40
N TYR B 100 -18.90 -7.15 16.39
CA TYR B 100 -17.55 -6.64 16.24
C TYR B 100 -16.71 -7.57 15.39
N LEU B 101 -16.97 -8.87 15.48
CA LEU B 101 -16.18 -9.90 14.82
C LEU B 101 -16.97 -10.51 13.68
N TYR B 102 -16.25 -11.12 12.76
CA TYR B 102 -16.86 -11.57 11.52
C TYR B 102 -15.91 -12.52 10.80
N ARG B 103 -16.49 -13.50 10.12
CA ARG B 103 -15.75 -14.40 9.24
C ARG B 103 -16.73 -14.96 8.22
N SER B 104 -16.33 -14.94 6.95
CA SER B 104 -17.15 -15.53 5.91
C SER B 104 -16.28 -15.83 4.70
N GLY B 105 -16.85 -16.60 3.79
CA GLY B 105 -16.21 -16.90 2.51
C GLY B 105 -17.19 -16.69 1.39
N PHE B 106 -16.77 -15.90 0.40
CA PHE B 106 -17.67 -15.40 -0.63
C PHE B 106 -17.66 -16.28 -1.87
N CYS B 107 -18.76 -16.19 -2.62
CA CYS B 107 -18.93 -16.84 -3.90
C CYS B 107 -19.22 -15.74 -4.89
N LEU B 108 -18.16 -15.13 -5.40
CA LEU B 108 -18.32 -14.07 -6.38
C LEU B 108 -18.94 -14.62 -7.65
N HIS B 109 -19.61 -13.74 -8.37
CA HIS B 109 -20.24 -14.10 -9.64
C HIS B 109 -20.57 -12.81 -10.35
N VAL B 110 -20.04 -12.65 -11.55
CA VAL B 110 -20.19 -11.42 -12.32
C VAL B 110 -20.65 -11.76 -13.72
N GLN B 111 -21.49 -10.91 -14.26
CA GLN B 111 -22.21 -11.16 -15.49
C GLN B 111 -22.03 -9.99 -16.45
N CYS B 112 -21.78 -10.30 -17.71
CA CYS B 112 -21.69 -9.28 -18.75
C CYS B 112 -22.21 -9.89 -20.04
N ASN B 113 -23.44 -9.55 -20.37
CA ASN B 113 -24.11 -10.13 -21.53
C ASN B 113 -23.83 -9.31 -22.77
N ALA B 114 -23.51 -10.01 -23.85
CA ALA B 114 -23.29 -9.36 -25.13
C ALA B 114 -23.66 -10.32 -26.24
N SER B 115 -23.82 -9.77 -27.43
CA SER B 115 -24.24 -10.56 -28.57
C SER B 115 -23.04 -11.26 -29.19
N LYS B 116 -23.33 -12.19 -30.08
CA LYS B 116 -22.28 -12.91 -30.80
C LYS B 116 -21.65 -12.07 -31.91
N PHE B 117 -22.15 -10.87 -32.16
CA PHE B 117 -21.53 -9.95 -33.10
C PHE B 117 -20.63 -8.95 -32.42
N HIS B 118 -20.80 -8.75 -31.12
CA HIS B 118 -19.94 -7.86 -30.38
C HIS B 118 -18.58 -8.51 -30.15
N GLN B 119 -17.63 -7.71 -29.69
CA GLN B 119 -16.34 -8.22 -29.25
C GLN B 119 -15.93 -7.48 -28.00
N GLY B 120 -14.99 -8.05 -27.29
CA GLY B 120 -14.49 -7.50 -26.04
C GLY B 120 -14.13 -8.60 -25.08
N ALA B 121 -13.35 -8.23 -24.07
CA ALA B 121 -12.97 -9.13 -23.00
C ALA B 121 -12.95 -8.36 -21.71
N LEU B 122 -12.93 -9.09 -20.60
CA LEU B 122 -12.95 -8.50 -19.28
C LEU B 122 -12.09 -9.33 -18.36
N LEU B 123 -11.24 -8.65 -17.59
CA LEU B 123 -10.43 -9.28 -16.57
C LEU B 123 -11.17 -9.16 -15.25
N VAL B 124 -11.53 -10.29 -14.67
CA VAL B 124 -12.17 -10.35 -13.38
C VAL B 124 -11.21 -11.02 -12.42
N ALA B 125 -10.91 -10.37 -11.31
CA ALA B 125 -10.00 -10.92 -10.34
C ALA B 125 -10.30 -10.34 -8.98
N VAL B 126 -10.13 -11.17 -7.99
CA VAL B 126 -10.16 -10.74 -6.60
C VAL B 126 -8.76 -10.32 -6.22
N ILE B 127 -8.68 -9.30 -5.37
CA ILE B 127 -7.41 -8.74 -4.94
C ILE B 127 -7.40 -8.77 -3.41
N PRO B 128 -6.65 -9.68 -2.78
CA PRO B 128 -6.58 -9.68 -1.32
C PRO B 128 -5.93 -8.42 -0.79
N GLU B 129 -6.56 -7.82 0.22
CA GLU B 129 -6.01 -6.68 0.92
C GLU B 129 -5.72 -5.54 -0.06
N PHE B 130 -6.74 -5.20 -0.82
CA PHE B 130 -6.58 -4.32 -1.96
C PHE B 130 -6.52 -2.89 -1.49
N VAL B 131 -5.34 -2.47 -1.07
CA VAL B 131 -5.13 -1.08 -0.72
C VAL B 131 -5.04 -0.25 -2.00
N LEU B 132 -5.24 1.03 -1.84
CA LEU B 132 -5.11 2.00 -2.92
C LEU B 132 -3.98 2.98 -2.60
N ALA B 133 -3.77 3.91 -3.51
CA ALA B 133 -2.59 4.74 -3.50
C ALA B 133 -2.91 6.16 -3.90
N GLY B 134 -2.37 7.10 -3.13
CA GLY B 134 -2.47 8.51 -3.48
C GLY B 134 -1.79 8.78 -4.80
N ARG B 135 -2.48 9.48 -5.68
CA ARG B 135 -2.03 9.76 -7.03
C ARG B 135 -1.40 11.15 -7.05
N GLY B 136 -0.11 11.20 -6.72
CA GLY B 136 0.59 12.47 -6.72
C GLY B 136 2.08 12.33 -6.50
N SER B 137 2.85 13.19 -7.15
CA SER B 137 4.29 13.14 -7.08
C SER B 137 4.85 13.70 -5.78
N ASN B 138 4.02 14.32 -4.96
CA ASN B 138 4.49 14.92 -3.72
C ASN B 138 4.82 13.85 -2.70
N THR B 139 5.97 13.98 -2.04
CA THR B 139 6.41 13.06 -1.00
C THR B 139 6.50 13.73 0.36
N LYS B 140 5.92 14.91 0.51
CA LYS B 140 5.88 15.57 1.80
C LYS B 140 5.01 14.74 2.75
N PRO B 141 5.54 14.27 3.90
CA PRO B 141 4.77 13.32 4.70
C PRO B 141 3.49 13.88 5.26
N ASN B 142 3.47 15.15 5.65
CA ASN B 142 2.29 15.78 6.19
C ASN B 142 1.35 16.31 5.12
N GLU B 143 1.83 16.44 3.89
CA GLU B 143 1.04 16.89 2.75
C GLU B 143 0.96 15.82 1.68
N ALA B 144 0.99 14.57 2.10
CA ALA B 144 0.98 13.48 1.16
C ALA B 144 -0.42 13.31 0.58
N PRO B 145 -0.56 13.11 -0.74
CA PRO B 145 -1.89 12.81 -1.27
C PRO B 145 -2.34 11.46 -0.78
N HIS B 146 -3.63 11.37 -0.45
CA HIS B 146 -4.19 10.12 0.05
C HIS B 146 -5.58 9.93 -0.55
N PRO B 147 -6.01 8.69 -0.75
CA PRO B 147 -7.37 8.47 -1.23
C PRO B 147 -8.39 8.71 -0.14
N GLY B 148 -9.52 9.29 -0.53
CA GLY B 148 -10.57 9.56 0.42
C GLY B 148 -11.26 8.28 0.87
N PHE B 149 -12.15 8.45 1.84
CA PHE B 149 -12.85 7.31 2.40
C PHE B 149 -13.79 6.69 1.37
N ASN B 150 -14.65 7.51 0.76
CA ASN B 150 -15.56 7.01 -0.25
C ASN B 150 -14.83 6.48 -1.47
N THR B 151 -13.55 6.82 -1.65
CA THR B 151 -12.81 6.29 -2.78
C THR B 151 -12.30 4.89 -2.49
N THR B 152 -11.91 4.62 -1.25
CA THR B 152 -11.39 3.32 -0.87
C THR B 152 -12.49 2.39 -0.35
N PHE B 153 -13.57 2.94 0.17
CA PHE B 153 -14.73 2.19 0.64
C PHE B 153 -15.94 2.72 -0.13
N PRO B 154 -16.06 2.38 -1.43
CA PRO B 154 -17.11 3.01 -2.24
C PRO B 154 -18.51 2.55 -1.88
N GLY B 155 -18.65 1.39 -1.25
CA GLY B 155 -19.96 0.90 -0.90
C GLY B 155 -20.59 0.08 -2.00
N THR B 156 -21.92 -0.01 -1.92
CA THR B 156 -22.67 -0.88 -2.83
C THR B 156 -22.51 -0.47 -4.28
N ALA B 157 -22.25 0.80 -4.54
CA ALA B 157 -22.16 1.27 -5.92
C ALA B 157 -20.90 0.75 -6.58
N GLY B 158 -19.75 1.06 -5.99
CA GLY B 158 -18.47 0.69 -6.55
C GLY B 158 -17.93 1.76 -7.46
N ALA B 159 -16.80 2.33 -7.07
CA ALA B 159 -16.20 3.42 -7.81
C ALA B 159 -15.44 2.88 -9.01
N SER B 160 -14.90 3.80 -9.79
CA SER B 160 -14.13 3.49 -10.98
C SER B 160 -12.65 3.72 -10.71
N PHE B 161 -11.84 3.27 -11.67
CA PHE B 161 -10.40 3.46 -11.62
C PHE B 161 -10.06 4.85 -12.14
N ASN B 162 -8.79 5.22 -11.99
CA ASN B 162 -8.22 6.41 -12.60
C ASN B 162 -7.07 6.09 -13.52
N ASP B 163 -6.28 5.07 -13.19
CA ASP B 163 -5.29 4.51 -14.11
C ASP B 163 -5.23 3.01 -13.84
N PRO B 164 -5.87 2.19 -14.67
CA PRO B 164 -5.97 0.76 -14.33
C PRO B 164 -4.71 -0.02 -14.61
N TYR B 165 -3.81 0.51 -15.43
CA TYR B 165 -2.61 -0.22 -15.80
C TYR B 165 -1.72 -0.51 -14.60
N VAL B 166 -1.82 0.30 -13.55
CA VAL B 166 -1.12 0.07 -12.29
C VAL B 166 -2.10 -0.16 -11.13
N LEU B 167 -3.36 -0.47 -11.44
CA LEU B 167 -4.36 -0.86 -10.46
C LEU B 167 -4.61 0.21 -9.40
N ASP B 168 -4.18 1.45 -9.65
CA ASP B 168 -4.25 2.52 -8.66
C ASP B 168 -3.55 2.12 -7.35
N SER B 169 -2.55 1.24 -7.45
CA SER B 169 -1.77 0.83 -6.30
C SER B 169 -0.29 0.66 -6.60
N GLY B 170 0.16 0.98 -7.81
CA GLY B 170 1.56 0.80 -8.15
C GLY B 170 1.93 -0.64 -8.43
N VAL B 171 0.97 -1.45 -8.83
CA VAL B 171 1.19 -2.85 -9.16
C VAL B 171 0.71 -3.03 -10.59
N PRO B 172 1.53 -3.55 -11.51
CA PRO B 172 1.09 -3.63 -12.90
C PRO B 172 0.02 -4.67 -13.11
N LEU B 173 -0.96 -4.31 -13.94
CA LEU B 173 -2.05 -5.23 -14.26
C LEU B 173 -1.57 -6.45 -15.02
N SER B 174 -0.43 -6.36 -15.69
CA SER B 174 0.06 -7.47 -16.48
C SER B 174 0.37 -8.67 -15.60
N GLN B 175 0.82 -8.42 -14.38
CA GLN B 175 1.09 -9.48 -13.41
C GLN B 175 -0.11 -9.81 -12.55
N SER B 176 -1.27 -9.25 -12.83
CA SER B 176 -2.39 -9.35 -11.92
C SER B 176 -3.11 -10.69 -11.97
N LEU B 177 -2.58 -11.68 -12.68
CA LEU B 177 -3.21 -12.98 -12.78
C LEU B 177 -2.64 -13.98 -11.79
N ILE B 178 -1.68 -13.56 -10.97
CA ILE B 178 -1.28 -14.40 -9.85
C ILE B 178 -2.45 -14.60 -8.92
N TYR B 179 -3.32 -13.60 -8.83
CA TYR B 179 -4.49 -13.73 -8.03
C TYR B 179 -5.50 -14.64 -8.72
N PRO B 180 -6.45 -15.19 -7.97
CA PRO B 180 -7.51 -15.96 -8.61
C PRO B 180 -8.32 -15.08 -9.53
N HIS B 181 -8.58 -15.58 -10.72
CA HIS B 181 -9.22 -14.80 -11.74
C HIS B 181 -10.01 -15.69 -12.68
N GLN B 182 -10.82 -15.05 -13.51
CA GLN B 182 -11.52 -15.73 -14.58
C GLN B 182 -11.92 -14.67 -15.59
N TRP B 183 -11.67 -14.96 -16.86
CA TRP B 183 -11.88 -14.01 -17.93
C TRP B 183 -13.28 -14.13 -18.47
N ILE B 184 -13.97 -13.01 -18.57
CA ILE B 184 -15.14 -12.90 -19.42
C ILE B 184 -14.66 -12.46 -20.79
N ASN B 185 -15.05 -13.21 -21.81
CA ASN B 185 -14.72 -12.91 -23.19
C ASN B 185 -15.97 -13.12 -24.02
N LEU B 186 -16.36 -12.11 -24.77
CA LEU B 186 -17.69 -12.04 -25.33
C LEU B 186 -17.91 -12.94 -26.53
N ARG B 187 -16.94 -13.78 -26.88
CA ARG B 187 -17.11 -14.76 -27.92
C ARG B 187 -17.53 -16.12 -27.40
N THR B 188 -17.25 -16.43 -26.13
CA THR B 188 -17.44 -17.77 -25.61
C THR B 188 -18.16 -17.82 -24.26
N ASN B 189 -18.00 -16.78 -23.45
CA ASN B 189 -18.68 -16.73 -22.15
C ASN B 189 -19.12 -15.33 -21.83
N ASN B 190 -20.36 -15.22 -21.37
CA ASN B 190 -20.96 -13.96 -20.97
C ASN B 190 -20.93 -13.76 -19.46
N CYS B 191 -20.21 -14.60 -18.73
CA CYS B 191 -20.30 -14.57 -17.28
C CYS B 191 -19.08 -15.29 -16.70
N ALA B 192 -18.87 -15.07 -15.41
CA ALA B 192 -17.74 -15.63 -14.71
C ALA B 192 -18.10 -15.77 -13.24
N THR B 193 -17.29 -16.53 -12.52
CA THR B 193 -17.59 -16.80 -11.12
C THR B 193 -16.33 -17.21 -10.39
N ILE B 194 -16.30 -16.87 -9.11
CA ILE B 194 -15.18 -17.18 -8.23
C ILE B 194 -15.76 -17.57 -6.88
N ILE B 195 -15.21 -18.62 -6.29
CA ILE B 195 -15.50 -19.02 -4.92
C ILE B 195 -14.21 -18.82 -4.14
N VAL B 196 -14.25 -17.88 -3.20
CA VAL B 196 -13.07 -17.44 -2.48
C VAL B 196 -13.28 -17.79 -1.01
N PRO B 197 -12.27 -18.30 -0.31
CA PRO B 197 -12.41 -18.54 1.13
C PRO B 197 -12.08 -17.27 1.92
N TYR B 198 -12.12 -17.42 3.23
CA TYR B 198 -11.76 -16.33 4.13
C TYR B 198 -10.24 -16.22 4.15
N ILE B 199 -9.72 -15.10 3.66
CA ILE B 199 -8.30 -14.84 3.59
C ILE B 199 -8.01 -13.70 4.54
N ASN B 200 -7.44 -14.03 5.68
CA ASN B 200 -7.07 -13.02 6.66
C ASN B 200 -6.09 -13.65 7.63
N ALA B 201 -5.09 -12.86 8.01
CA ALA B 201 -4.09 -13.33 8.94
C ALA B 201 -4.63 -13.51 10.35
N VAL B 202 -5.86 -13.10 10.61
CA VAL B 202 -6.48 -13.24 11.92
C VAL B 202 -7.73 -14.09 11.74
N PRO B 203 -8.13 -14.90 12.73
CA PRO B 203 -9.29 -15.77 12.50
C PRO B 203 -10.57 -15.02 12.27
N PHE B 204 -10.79 -13.92 12.99
CA PHE B 204 -11.93 -13.05 12.78
C PHE B 204 -11.42 -11.63 12.58
N ASP B 205 -12.32 -10.77 12.10
CA ASP B 205 -11.98 -9.37 11.93
C ASP B 205 -13.24 -8.55 12.00
N SER B 206 -13.06 -7.24 12.03
CA SER B 206 -14.18 -6.35 11.89
C SER B 206 -14.68 -6.35 10.47
N ALA B 207 -15.94 -5.96 10.31
CA ALA B 207 -16.60 -5.97 9.02
C ALA B 207 -16.74 -4.59 8.41
N ILE B 208 -16.76 -3.54 9.24
CA ILE B 208 -16.87 -2.17 8.77
C ILE B 208 -15.56 -1.42 8.92
N ASN B 209 -14.48 -2.09 9.31
CA ASN B 209 -13.15 -1.53 9.28
C ASN B 209 -12.27 -2.24 8.26
N HIS B 210 -12.08 -3.55 8.39
CA HIS B 210 -11.15 -4.30 7.56
C HIS B 210 -11.90 -5.01 6.46
N SER B 211 -11.67 -4.58 5.23
CA SER B 211 -12.13 -5.32 4.07
C SER B 211 -11.17 -6.43 3.76
N ASN B 212 -11.70 -7.63 3.53
CA ASN B 212 -10.85 -8.80 3.39
C ASN B 212 -10.16 -8.80 2.04
N PHE B 213 -10.87 -8.38 1.00
CA PHE B 213 -10.32 -8.38 -0.34
C PHE B 213 -11.10 -7.42 -1.21
N GLY B 214 -10.59 -7.22 -2.42
CA GLY B 214 -11.25 -6.43 -3.43
C GLY B 214 -11.73 -7.29 -4.58
N LEU B 215 -12.30 -6.60 -5.55
CA LEU B 215 -12.66 -7.21 -6.82
C LEU B 215 -12.44 -6.16 -7.88
N ILE B 216 -11.90 -6.57 -9.02
CA ILE B 216 -11.67 -5.68 -10.14
C ILE B 216 -12.33 -6.28 -11.37
N VAL B 217 -12.94 -5.41 -12.18
CA VAL B 217 -13.51 -5.77 -13.46
C VAL B 217 -12.98 -4.75 -14.45
N VAL B 218 -11.99 -5.13 -15.23
CA VAL B 218 -11.24 -4.21 -16.07
C VAL B 218 -11.58 -4.50 -17.53
N PRO B 219 -11.96 -3.51 -18.33
CA PRO B 219 -12.06 -3.74 -19.78
C PRO B 219 -10.72 -3.70 -20.46
N VAL B 220 -10.04 -4.85 -20.48
CA VAL B 220 -8.77 -4.96 -21.17
C VAL B 220 -8.97 -4.70 -22.66
N SER B 221 -9.74 -5.54 -23.29
CA SER B 221 -10.08 -5.34 -24.70
C SER B 221 -11.31 -4.45 -24.79
N PRO B 222 -11.26 -3.32 -25.50
CA PRO B 222 -12.41 -2.41 -25.46
C PRO B 222 -13.58 -2.98 -26.22
N LEU B 223 -14.77 -2.76 -25.67
CA LEU B 223 -16.00 -3.13 -26.34
C LEU B 223 -16.05 -2.42 -27.68
N LYS B 224 -16.14 -3.20 -28.75
CA LYS B 224 -16.24 -2.68 -30.11
C LYS B 224 -17.35 -3.42 -30.83
N TYR B 225 -18.28 -2.66 -31.39
CA TYR B 225 -19.38 -3.20 -32.17
C TYR B 225 -19.60 -2.33 -33.38
N SER B 226 -19.94 -2.96 -34.49
CA SER B 226 -20.37 -2.19 -35.65
C SER B 226 -21.66 -1.46 -35.31
N SER B 227 -21.76 -0.23 -35.80
CA SER B 227 -22.88 0.62 -35.45
C SER B 227 -24.18 0.02 -35.97
N GLY B 228 -25.18 0.01 -35.10
CA GLY B 228 -26.48 -0.55 -35.41
C GLY B 228 -26.87 -1.67 -34.48
N ALA B 229 -26.31 -1.66 -33.26
CA ALA B 229 -26.58 -2.70 -32.28
C ALA B 229 -26.78 -2.10 -30.91
N THR B 230 -26.93 -2.95 -29.89
CA THR B 230 -27.04 -2.48 -28.53
C THR B 230 -25.76 -1.76 -28.13
N THR B 231 -25.91 -0.52 -27.71
CA THR B 231 -24.79 0.32 -27.33
C THR B 231 -24.53 0.31 -25.83
N ALA B 232 -25.55 0.01 -25.03
CA ALA B 232 -25.47 0.04 -23.58
C ALA B 232 -25.32 -1.37 -23.06
N ILE B 233 -24.06 -1.78 -22.84
CA ILE B 233 -23.75 -3.07 -22.25
C ILE B 233 -23.53 -2.86 -20.75
N PRO B 234 -24.33 -3.48 -19.88
CA PRO B 234 -24.06 -3.37 -18.44
C PRO B 234 -23.25 -4.52 -17.89
N ILE B 235 -22.79 -4.35 -16.65
CA ILE B 235 -22.11 -5.38 -15.90
C ILE B 235 -22.75 -5.43 -14.53
N THR B 236 -23.22 -6.62 -14.15
CA THR B 236 -23.77 -6.87 -12.83
C THR B 236 -22.93 -7.92 -12.14
N VAL B 237 -22.78 -7.76 -10.83
CA VAL B 237 -22.08 -8.71 -10.00
C VAL B 237 -23.02 -9.16 -8.90
N THR B 238 -23.15 -10.48 -8.77
CA THR B 238 -23.96 -11.11 -7.75
C THR B 238 -23.02 -11.81 -6.79
N ILE B 239 -23.20 -11.56 -5.51
CA ILE B 239 -22.27 -11.96 -4.48
C ILE B 239 -23.01 -12.74 -3.43
N ALA B 240 -22.32 -13.68 -2.81
CA ALA B 240 -22.98 -14.62 -1.92
C ALA B 240 -22.02 -15.16 -0.86
N PRO B 241 -22.14 -14.74 0.39
CA PRO B 241 -21.25 -15.28 1.42
C PRO B 241 -21.62 -16.69 1.83
N LEU B 242 -20.61 -17.45 2.19
CA LEU B 242 -20.75 -18.83 2.64
C LEU B 242 -20.07 -19.00 3.97
N ASN B 243 -20.68 -19.79 4.84
CA ASN B 243 -20.12 -20.14 6.15
C ASN B 243 -19.80 -18.88 6.94
N SER B 244 -20.76 -17.97 6.98
CA SER B 244 -20.58 -16.72 7.69
C SER B 244 -20.48 -16.95 9.19
N GLU B 245 -19.85 -16.02 9.87
CA GLU B 245 -19.78 -16.03 11.32
C GLU B 245 -19.97 -14.62 11.86
N PHE B 246 -20.35 -14.55 13.13
CA PHE B 246 -20.59 -13.29 13.80
C PHE B 246 -20.38 -13.51 15.29
N GLY B 247 -19.80 -12.51 15.94
CA GLY B 247 -19.53 -12.62 17.36
C GLY B 247 -19.30 -11.27 17.97
N GLY B 248 -19.45 -11.22 19.29
CA GLY B 248 -19.29 -9.97 20.01
C GLY B 248 -20.42 -9.01 19.71
N LEU B 249 -21.62 -9.35 20.15
CA LEU B 249 -22.77 -8.51 19.88
C LEU B 249 -22.65 -7.19 20.62
N ARG B 250 -23.13 -6.13 19.99
CA ARG B 250 -23.10 -4.80 20.58
C ARG B 250 -24.13 -3.92 19.90
N GLN B 251 -24.05 -2.63 20.17
CA GLN B 251 -24.96 -1.67 19.57
C GLN B 251 -24.70 -1.54 18.07
N ALA B 252 -25.56 -0.79 17.41
CA ALA B 252 -25.35 -0.50 16.00
C ALA B 252 -24.11 0.37 15.83
N VAL B 253 -23.47 0.25 14.67
CA VAL B 253 -22.40 1.16 14.28
C VAL B 253 -22.47 1.31 12.77
N SER B 254 -22.78 2.53 12.31
CA SER B 254 -22.86 2.77 10.88
C SER B 254 -21.48 2.68 10.25
N GLN B 255 -20.55 3.53 10.69
CA GLN B 255 -19.18 3.51 10.20
C GLN B 255 -18.23 4.01 11.28
N GLY C 1 41.88 -23.98 29.22
CA GLY C 1 40.81 -24.21 28.21
C GLY C 1 41.25 -25.07 27.05
N LEU C 2 40.33 -25.33 26.15
CA LEU C 2 40.67 -26.04 24.93
C LEU C 2 41.62 -25.17 24.11
N PRO C 3 42.70 -25.73 23.55
CA PRO C 3 43.50 -24.93 22.63
C PRO C 3 42.81 -24.80 21.28
N THR C 4 43.04 -23.67 20.63
CA THR C 4 42.42 -23.41 19.35
C THR C 4 43.21 -22.32 18.63
N GLU C 5 42.88 -22.13 17.36
CA GLU C 5 43.41 -21.02 16.57
C GLU C 5 42.30 -20.48 15.69
N LEU C 6 42.32 -19.18 15.45
CA LEU C 6 41.36 -18.56 14.55
C LEU C 6 41.88 -18.66 13.13
N ARG C 7 41.16 -19.40 12.30
CA ARG C 7 41.48 -19.41 10.90
C ARG C 7 41.11 -18.07 10.29
N PRO C 8 41.54 -17.81 9.07
CA PRO C 8 40.99 -16.69 8.33
C PRO C 8 39.49 -16.86 8.11
N GLY C 9 38.86 -15.77 7.74
CA GLY C 9 37.43 -15.77 7.54
C GLY C 9 36.63 -15.49 8.79
N THR C 10 37.23 -14.81 9.76
CA THR C 10 36.58 -14.48 11.01
C THR C 10 36.12 -13.04 11.01
N ASN C 11 35.22 -12.75 11.95
CA ASN C 11 34.73 -11.40 12.19
C ASN C 11 34.08 -10.77 10.97
N GLN C 12 33.67 -11.57 10.00
CA GLN C 12 33.15 -11.10 8.73
C GLN C 12 31.65 -11.33 8.71
N PHE C 13 30.88 -10.24 8.67
CA PHE C 13 29.43 -10.35 8.57
C PHE C 13 29.12 -10.71 7.14
N LEU C 14 29.10 -12.01 6.87
CA LEU C 14 28.72 -12.50 5.56
C LEU C 14 27.21 -12.41 5.42
N THR C 15 26.76 -11.87 4.30
CA THR C 15 25.34 -11.59 4.13
C THR C 15 24.53 -12.87 4.01
N THR C 16 25.15 -13.97 3.57
CA THR C 16 24.44 -15.18 3.19
C THR C 16 24.89 -16.40 3.99
N GLU C 17 25.69 -16.22 5.04
CA GLU C 17 25.99 -17.35 5.88
C GLU C 17 24.76 -17.73 6.70
N ASP C 18 24.85 -18.87 7.36
CA ASP C 18 23.71 -19.45 8.07
C ASP C 18 24.19 -19.99 9.42
N ASP C 19 24.16 -19.11 10.42
CA ASP C 19 24.65 -19.42 11.76
C ASP C 19 23.61 -19.02 12.79
N THR C 20 23.86 -19.44 14.02
CA THR C 20 22.99 -19.08 15.12
C THR C 20 23.33 -17.68 15.62
N ALA C 21 22.36 -17.08 16.30
CA ALA C 21 22.56 -15.82 16.98
C ALA C 21 21.83 -15.86 18.31
N ALA C 22 22.26 -15.00 19.20
CA ALA C 22 21.76 -15.02 20.56
C ALA C 22 20.27 -14.70 20.57
N PRO C 23 19.41 -15.52 21.16
CA PRO C 23 18.00 -15.17 21.22
C PRO C 23 17.80 -13.97 22.12
N ILE C 24 16.91 -13.07 21.69
CA ILE C 24 16.79 -11.78 22.35
C ILE C 24 15.72 -11.83 23.43
N LEU C 25 14.71 -12.67 23.26
CA LEU C 25 13.68 -12.89 24.28
C LEU C 25 13.79 -14.34 24.77
N PRO C 26 14.50 -14.60 25.86
CA PRO C 26 14.70 -15.99 26.27
C PRO C 26 13.41 -16.60 26.80
N GLY C 27 13.10 -17.80 26.32
CA GLY C 27 11.90 -18.47 26.75
C GLY C 27 10.67 -17.75 26.25
N PHE C 28 10.51 -17.72 24.94
CA PHE C 28 9.43 -17.01 24.28
C PHE C 28 8.59 -17.97 23.46
N SER C 29 7.28 -17.83 23.58
CA SER C 29 6.33 -18.61 22.82
C SER C 29 5.65 -17.70 21.82
N PRO C 30 5.69 -17.95 20.52
CA PRO C 30 5.08 -17.03 19.57
C PRO C 30 3.58 -17.18 19.53
N THR C 31 2.95 -16.24 18.84
CA THR C 31 1.53 -16.34 18.58
C THR C 31 1.27 -17.57 17.71
N PRO C 32 0.41 -18.50 18.15
CA PRO C 32 0.21 -19.71 17.36
C PRO C 32 -0.41 -19.39 16.01
N SER C 33 0.03 -20.13 15.00
CA SER C 33 -0.35 -19.80 13.64
C SER C 33 -1.80 -20.18 13.38
N ILE C 34 -2.17 -20.01 12.12
CA ILE C 34 -3.51 -20.32 11.63
C ILE C 34 -3.38 -20.82 10.21
N HIS C 35 -4.21 -21.78 9.84
CA HIS C 35 -4.19 -22.35 8.50
C HIS C 35 -4.75 -21.33 7.51
N ILE C 36 -3.88 -20.82 6.64
CA ILE C 36 -4.21 -19.78 5.70
C ILE C 36 -4.04 -20.35 4.29
N PRO C 37 -4.98 -20.16 3.37
CA PRO C 37 -4.76 -20.64 2.01
C PRO C 37 -3.66 -19.85 1.31
N GLY C 38 -3.24 -20.38 0.17
CA GLY C 38 -2.26 -19.70 -0.63
C GLY C 38 -0.85 -19.79 -0.11
N GLU C 39 -0.55 -20.79 0.70
CA GLU C 39 0.79 -20.97 1.23
C GLU C 39 1.70 -21.40 0.09
N VAL C 40 2.49 -20.49 -0.38
CA VAL C 40 3.52 -20.80 -1.37
C VAL C 40 4.77 -21.21 -0.64
N ARG C 41 5.49 -22.14 -1.26
CA ARG C 41 6.74 -22.67 -0.74
C ARG C 41 7.89 -22.58 -1.72
N SER C 42 7.63 -22.12 -2.95
CA SER C 42 8.68 -21.99 -3.94
C SER C 42 8.34 -20.88 -4.90
N LEU C 43 9.38 -20.35 -5.54
CA LEU C 43 9.21 -19.35 -6.57
C LEU C 43 8.96 -19.98 -7.93
N LEU C 44 9.43 -21.21 -8.14
CA LEU C 44 9.02 -21.95 -9.33
C LEU C 44 7.52 -22.19 -9.33
N GLU C 45 6.88 -22.16 -8.17
CA GLU C 45 5.44 -22.27 -8.10
C GLU C 45 4.77 -21.08 -8.78
N LEU C 46 5.42 -19.91 -8.74
CA LEU C 46 4.90 -18.71 -9.35
C LEU C 46 5.30 -18.54 -10.80
N CYS C 47 6.30 -19.28 -11.28
CA CYS C 47 6.66 -19.19 -12.68
C CYS C 47 5.72 -19.99 -13.57
N ARG C 48 4.91 -20.87 -13.00
CA ARG C 48 4.05 -21.75 -13.76
C ARG C 48 2.67 -21.18 -14.01
N VAL C 49 2.43 -19.91 -13.65
CA VAL C 49 1.14 -19.27 -13.83
C VAL C 49 1.31 -18.14 -14.83
N GLU C 50 0.32 -17.96 -15.69
CA GLU C 50 0.46 -17.03 -16.79
C GLU C 50 0.28 -15.59 -16.33
N THR C 51 1.02 -14.70 -16.97
CA THR C 51 0.84 -13.28 -16.84
C THR C 51 1.06 -12.66 -18.21
N ILE C 52 0.41 -11.53 -18.44
CA ILE C 52 0.34 -10.98 -19.77
C ILE C 52 1.66 -10.33 -20.11
N LEU C 53 2.06 -10.44 -21.37
CA LEU C 53 3.21 -9.74 -21.89
C LEU C 53 2.78 -8.39 -22.45
N GLU C 54 3.64 -7.40 -22.27
CA GLU C 54 3.48 -6.10 -22.93
C GLU C 54 4.17 -6.18 -24.30
N VAL C 55 3.64 -7.07 -25.12
CA VAL C 55 4.24 -7.32 -26.42
C VAL C 55 4.07 -6.12 -27.34
N ASN C 56 3.03 -5.32 -27.14
CA ASN C 56 2.83 -4.09 -27.92
C ASN C 56 3.48 -2.90 -27.22
N ASN C 57 4.74 -3.08 -26.87
CA ASN C 57 5.49 -2.09 -26.10
C ASN C 57 6.16 -1.13 -27.05
N THR C 58 5.33 -0.31 -27.69
CA THR C 58 5.77 0.65 -28.67
C THR C 58 5.38 2.06 -28.29
N THR C 59 6.17 3.01 -28.79
CA THR C 59 5.71 4.38 -28.83
C THR C 59 4.41 4.45 -29.62
N ASP C 60 3.55 5.38 -29.22
CA ASP C 60 2.22 5.51 -29.81
C ASP C 60 1.39 4.27 -29.53
N ALA C 61 1.62 3.67 -28.34
CA ALA C 61 0.77 2.59 -27.86
C ALA C 61 0.53 2.70 -26.37
N THR C 62 0.55 3.91 -25.84
CA THR C 62 0.55 4.11 -24.41
C THR C 62 -0.82 3.82 -23.80
N GLY C 63 -0.83 3.69 -22.48
CA GLY C 63 -2.02 3.34 -21.75
C GLY C 63 -2.09 1.86 -21.47
N LEU C 64 -3.30 1.30 -21.59
CA LEU C 64 -3.49 -0.12 -21.39
C LEU C 64 -3.27 -0.93 -22.66
N ASN C 65 -3.22 -0.29 -23.82
CA ASN C 65 -3.13 -1.01 -25.07
C ASN C 65 -1.77 -1.64 -25.32
N ARG C 66 -0.81 -1.47 -24.41
CA ARG C 66 0.47 -2.15 -24.58
C ARG C 66 0.32 -3.66 -24.46
N LEU C 67 -0.72 -4.13 -23.79
CA LEU C 67 -0.90 -5.55 -23.54
C LEU C 67 -1.57 -6.27 -24.70
N LEU C 68 -1.94 -5.57 -25.77
CA LEU C 68 -2.78 -6.13 -26.83
C LEU C 68 -2.08 -5.92 -28.15
N ILE C 69 -2.04 -6.98 -28.97
CA ILE C 69 -1.56 -6.88 -30.34
C ILE C 69 -2.77 -6.72 -31.25
N PRO C 70 -2.74 -5.81 -32.22
CA PRO C 70 -3.87 -5.70 -33.12
C PRO C 70 -3.89 -6.84 -34.13
N VAL C 71 -5.09 -7.12 -34.61
CA VAL C 71 -5.32 -8.12 -35.64
C VAL C 71 -6.40 -7.59 -36.56
N SER C 72 -6.07 -7.45 -37.84
CA SER C 72 -6.99 -6.97 -38.84
C SER C 72 -6.88 -7.86 -40.06
N ALA C 73 -7.90 -7.78 -40.91
CA ALA C 73 -7.87 -8.50 -42.17
C ALA C 73 -6.76 -7.95 -43.04
N GLN C 74 -6.16 -8.83 -43.84
CA GLN C 74 -5.06 -8.48 -44.74
C GLN C 74 -5.49 -8.77 -46.16
N ASN C 75 -5.58 -7.73 -46.97
CA ASN C 75 -5.91 -7.91 -48.39
C ASN C 75 -4.84 -8.71 -49.09
N LYS C 76 -3.58 -8.48 -48.74
CA LYS C 76 -2.45 -9.23 -49.26
C LYS C 76 -2.04 -10.26 -48.22
N ALA C 77 -1.86 -11.51 -48.65
CA ALA C 77 -1.61 -12.60 -47.74
C ALA C 77 -0.12 -12.67 -47.38
N ASP C 78 0.23 -13.66 -46.57
CA ASP C 78 1.61 -13.88 -46.13
C ASP C 78 2.12 -12.66 -45.38
N GLU C 79 1.42 -12.33 -44.32
CA GLU C 79 1.65 -11.11 -43.56
C GLU C 79 2.13 -11.44 -42.15
N LEU C 80 2.91 -10.52 -41.60
CA LEU C 80 3.50 -10.66 -40.28
C LEU C 80 2.68 -9.88 -39.29
N CYS C 81 2.11 -10.57 -38.30
CA CYS C 81 1.26 -9.91 -37.32
C CYS C 81 2.09 -9.30 -36.20
N ALA C 82 3.00 -10.07 -35.63
CA ALA C 82 3.80 -9.59 -34.52
C ALA C 82 4.99 -10.52 -34.32
N ALA C 83 5.87 -10.11 -33.41
CA ALA C 83 7.03 -10.89 -33.07
C ALA C 83 7.67 -10.30 -31.83
N PHE C 84 8.39 -11.13 -31.09
CA PHE C 84 9.10 -10.64 -29.92
C PHE C 84 10.18 -11.64 -29.53
N MET C 85 11.24 -11.11 -28.95
CA MET C 85 12.33 -11.96 -28.50
C MET C 85 11.93 -12.68 -27.24
N VAL C 86 12.19 -13.99 -27.24
CA VAL C 86 11.73 -14.84 -26.14
C VAL C 86 12.55 -14.69 -24.88
N ASP C 87 13.66 -13.98 -24.93
CA ASP C 87 14.58 -13.93 -23.80
C ASP C 87 13.91 -13.22 -22.62
N PRO C 88 13.65 -13.89 -21.50
CA PRO C 88 12.94 -13.22 -20.40
C PRO C 88 13.78 -12.20 -19.67
N GLY C 89 15.02 -12.56 -19.37
CA GLY C 89 15.89 -11.65 -18.64
C GLY C 89 16.21 -10.40 -19.44
N ARG C 90 16.31 -10.54 -20.75
CA ARG C 90 16.48 -9.41 -21.62
C ARG C 90 15.32 -8.44 -21.44
N ILE C 91 15.60 -7.16 -21.68
CA ILE C 91 14.53 -6.19 -21.68
C ILE C 91 13.58 -6.51 -22.82
N GLY C 92 12.37 -5.97 -22.72
CA GLY C 92 11.37 -6.14 -23.74
C GLY C 92 10.01 -6.47 -23.14
N PRO C 93 9.21 -7.29 -23.82
CA PRO C 93 7.88 -7.59 -23.29
C PRO C 93 7.88 -8.32 -21.97
N TRP C 94 8.85 -9.19 -21.73
CA TRP C 94 8.86 -10.00 -20.53
C TRP C 94 9.12 -9.22 -19.26
N GLN C 95 9.33 -7.90 -19.34
CA GLN C 95 9.43 -7.12 -18.12
C GLN C 95 8.08 -6.98 -17.43
N SER C 96 6.98 -7.27 -18.14
CA SER C 96 5.64 -7.11 -17.60
C SER C 96 5.05 -8.40 -17.08
N THR C 97 5.60 -9.53 -17.46
CA THR C 97 5.18 -10.80 -16.90
C THR C 97 5.95 -11.08 -15.62
N LEU C 98 5.39 -11.96 -14.79
CA LEU C 98 6.05 -12.28 -13.54
C LEU C 98 7.31 -13.09 -13.77
N VAL C 99 7.21 -14.11 -14.63
CA VAL C 99 8.32 -15.02 -14.85
C VAL C 99 9.54 -14.30 -15.40
N GLY C 100 9.36 -13.15 -16.03
CA GLY C 100 10.48 -12.35 -16.49
C GLY C 100 10.97 -11.41 -15.41
N GLN C 101 10.07 -11.03 -14.49
CA GLN C 101 10.50 -10.21 -13.37
C GLN C 101 11.25 -11.06 -12.35
N ILE C 102 10.72 -12.24 -12.05
CA ILE C 102 11.34 -13.10 -11.06
C ILE C 102 12.64 -13.71 -11.58
N CYS C 103 12.77 -13.87 -12.89
CA CYS C 103 14.01 -14.37 -13.45
C CYS C 103 15.14 -13.38 -13.24
N ARG C 104 14.83 -12.09 -13.20
CA ARG C 104 15.85 -11.08 -13.02
C ARG C 104 16.50 -11.16 -11.66
N TYR C 105 15.78 -11.68 -10.67
CA TYR C 105 16.37 -11.85 -9.35
C TYR C 105 17.45 -12.91 -9.34
N TYR C 106 17.47 -13.79 -10.33
CA TYR C 106 18.49 -14.81 -10.49
C TYR C 106 19.29 -14.52 -11.75
N THR C 107 20.43 -15.20 -11.86
CA THR C 107 21.33 -15.01 -12.98
C THR C 107 20.93 -15.90 -14.16
N GLN C 108 20.89 -17.20 -13.93
CA GLN C 108 20.70 -18.19 -14.97
C GLN C 108 19.37 -18.88 -14.83
N TRP C 109 18.86 -19.30 -15.99
CA TRP C 109 17.57 -19.95 -16.09
C TRP C 109 17.64 -21.07 -17.10
N SER C 110 16.82 -22.09 -16.87
CA SER C 110 16.67 -23.17 -17.83
C SER C 110 15.24 -23.66 -17.74
N GLY C 111 14.88 -24.50 -18.70
CA GLY C 111 13.58 -25.10 -18.77
C GLY C 111 12.72 -24.48 -19.85
N SER C 112 11.76 -25.25 -20.32
CA SER C 112 10.91 -24.82 -21.41
C SER C 112 9.98 -23.71 -20.95
N LEU C 113 9.69 -22.81 -21.87
CA LEU C 113 8.76 -21.71 -21.65
C LEU C 113 7.59 -21.89 -22.60
N LYS C 114 6.43 -21.41 -22.17
CA LYS C 114 5.21 -21.54 -22.95
C LYS C 114 4.43 -20.24 -22.91
N VAL C 115 3.75 -19.99 -24.02
CA VAL C 115 2.94 -18.80 -24.19
C VAL C 115 1.61 -19.21 -24.77
N THR C 116 0.54 -18.62 -24.26
CA THR C 116 -0.79 -18.79 -24.79
C THR C 116 -1.21 -17.52 -25.49
N PHE C 117 -2.28 -17.62 -26.27
CA PHE C 117 -2.76 -16.51 -27.08
C PHE C 117 -4.28 -16.58 -27.11
N MET C 118 -4.90 -15.79 -26.26
CA MET C 118 -6.35 -15.69 -26.20
C MET C 118 -6.80 -14.71 -27.28
N PHE C 119 -7.81 -15.11 -28.04
CA PHE C 119 -8.41 -14.26 -29.04
C PHE C 119 -9.64 -13.58 -28.47
N THR C 120 -9.75 -12.27 -28.73
CA THR C 120 -10.82 -11.45 -28.21
C THR C 120 -11.78 -10.99 -29.30
N GLY C 121 -11.68 -11.56 -30.50
CA GLY C 121 -12.54 -11.16 -31.58
C GLY C 121 -13.97 -11.60 -31.36
N SER C 122 -14.81 -11.22 -32.32
CA SER C 122 -16.20 -11.57 -32.25
C SER C 122 -16.37 -13.08 -32.42
N PHE C 123 -17.59 -13.54 -32.14
CA PHE C 123 -17.86 -14.97 -32.22
C PHE C 123 -17.91 -15.44 -33.66
N MET C 124 -18.44 -14.61 -34.56
CA MET C 124 -18.62 -15.02 -35.93
C MET C 124 -17.36 -14.87 -36.75
N ALA C 125 -16.51 -13.91 -36.38
CA ALA C 125 -15.27 -13.72 -37.11
C ALA C 125 -14.31 -14.83 -36.77
N THR C 126 -13.67 -15.37 -37.80
CA THR C 126 -12.79 -16.52 -37.65
C THR C 126 -11.55 -16.28 -38.48
N GLY C 127 -10.54 -17.08 -38.21
CA GLY C 127 -9.25 -16.92 -38.84
C GLY C 127 -8.25 -17.92 -38.33
N LYS C 128 -7.24 -18.19 -39.15
CA LYS C 128 -6.16 -19.07 -38.80
C LYS C 128 -4.89 -18.26 -38.58
N MET C 129 -4.09 -18.69 -37.61
CA MET C 129 -2.83 -18.06 -37.30
C MET C 129 -1.75 -19.11 -37.15
N LEU C 130 -0.53 -18.69 -37.47
CA LEU C 130 0.66 -19.52 -37.36
C LEU C 130 1.59 -18.88 -36.35
N ILE C 131 1.96 -19.65 -35.34
CA ILE C 131 2.87 -19.19 -34.29
C ILE C 131 4.15 -19.98 -34.45
N ALA C 132 5.23 -19.28 -34.75
CA ALA C 132 6.49 -19.88 -35.12
C ALA C 132 7.56 -19.42 -34.16
N TYR C 133 8.20 -20.36 -33.48
CA TYR C 133 9.40 -20.11 -32.72
C TYR C 133 10.60 -20.47 -33.57
N SER C 134 11.53 -19.54 -33.67
CA SER C 134 12.76 -19.75 -34.40
C SER C 134 13.90 -19.88 -33.41
N PRO C 135 14.72 -20.93 -33.47
CA PRO C 135 15.90 -20.97 -32.63
C PRO C 135 16.86 -19.85 -32.97
N PRO C 136 17.92 -19.70 -32.20
CA PRO C 136 18.86 -18.60 -32.47
C PRO C 136 19.58 -18.75 -33.80
N GLY C 137 20.42 -17.78 -34.10
CA GLY C 137 21.14 -17.74 -35.37
C GLY C 137 21.00 -16.39 -36.03
N SER C 138 20.35 -16.38 -37.19
CA SER C 138 20.07 -15.14 -37.89
C SER C 138 18.96 -14.39 -37.18
N ALA C 139 18.54 -13.25 -37.73
CA ALA C 139 17.52 -12.42 -37.11
C ALA C 139 16.16 -13.03 -37.37
N GLN C 140 15.09 -12.30 -37.08
CA GLN C 140 13.77 -12.83 -37.33
C GLN C 140 13.56 -12.97 -38.84
N PRO C 141 12.87 -14.00 -39.30
CA PRO C 141 12.82 -14.26 -40.73
C PRO C 141 12.01 -13.22 -41.48
N ALA C 142 12.22 -13.18 -42.79
CA ALA C 142 11.60 -12.15 -43.61
C ALA C 142 10.16 -12.51 -43.95
N ASN C 143 9.95 -13.70 -44.48
CA ASN C 143 8.64 -14.20 -44.85
C ASN C 143 8.39 -15.53 -44.14
N ARG C 144 7.10 -15.88 -44.04
CA ARG C 144 6.73 -17.03 -43.25
C ARG C 144 7.30 -18.32 -43.79
N GLU C 145 7.53 -18.41 -45.09
CA GLU C 145 8.15 -19.60 -45.64
C GLU C 145 9.59 -19.77 -45.20
N THR C 146 10.17 -18.77 -44.56
CA THR C 146 11.45 -18.92 -43.87
C THR C 146 11.27 -19.16 -42.38
N ALA C 147 10.14 -18.74 -41.82
CA ALA C 147 9.85 -18.96 -40.41
C ALA C 147 9.18 -20.29 -40.15
N MET C 148 8.80 -21.04 -41.18
CA MET C 148 8.27 -22.38 -40.96
C MET C 148 9.24 -23.25 -40.20
N LEU C 149 10.52 -23.13 -40.52
CA LEU C 149 11.48 -24.18 -40.25
C LEU C 149 11.68 -24.43 -38.76
N GLY C 150 11.48 -23.43 -37.92
CA GLY C 150 11.49 -23.67 -36.50
C GLY C 150 10.26 -24.43 -36.09
N THR C 151 10.22 -24.80 -34.82
CA THR C 151 9.01 -25.41 -34.29
C THR C 151 7.90 -24.37 -34.35
N HIS C 152 6.80 -24.75 -34.98
CA HIS C 152 5.68 -23.87 -35.16
C HIS C 152 4.39 -24.60 -34.83
N VAL C 153 3.41 -23.83 -34.40
CA VAL C 153 2.09 -24.32 -34.07
C VAL C 153 1.10 -23.49 -34.85
N ILE C 154 0.22 -24.16 -35.56
CA ILE C 154 -0.82 -23.50 -36.33
C ILE C 154 -2.08 -23.47 -35.47
N TRP C 155 -2.82 -22.37 -35.56
CA TRP C 155 -3.91 -22.06 -34.67
C TRP C 155 -5.14 -21.78 -35.52
N ASP C 156 -6.25 -22.39 -35.14
CA ASP C 156 -7.57 -22.11 -35.70
C ASP C 156 -8.45 -21.49 -34.63
N PHE C 157 -9.29 -20.56 -35.06
CA PHE C 157 -10.21 -19.89 -34.19
C PHE C 157 -11.49 -20.71 -34.08
N GLY C 158 -12.45 -20.18 -33.34
CA GLY C 158 -13.67 -20.88 -33.02
C GLY C 158 -13.93 -20.70 -31.55
N LEU C 159 -14.57 -21.68 -30.93
CA LEU C 159 -14.60 -21.72 -29.49
C LEU C 159 -13.21 -22.06 -28.97
N GLN C 160 -13.04 -21.92 -27.66
CA GLN C 160 -11.77 -22.27 -27.02
C GLN C 160 -10.63 -21.46 -27.62
N SER C 161 -10.70 -20.16 -27.39
CA SER C 161 -9.93 -19.18 -28.15
C SER C 161 -8.51 -19.03 -27.69
N SER C 162 -7.99 -19.91 -26.83
CA SER C 162 -6.63 -19.82 -26.33
C SER C 162 -5.86 -21.07 -26.72
N VAL C 163 -4.94 -20.91 -27.67
CA VAL C 163 -4.00 -21.94 -28.06
C VAL C 163 -2.79 -21.84 -27.14
N SER C 164 -1.96 -22.87 -27.13
CA SER C 164 -0.73 -22.89 -26.33
C SER C 164 0.43 -23.31 -27.22
N LEU C 165 1.44 -22.46 -27.31
CA LEU C 165 2.75 -22.84 -27.81
C LEU C 165 3.66 -23.03 -26.61
N VAL C 166 4.59 -23.98 -26.73
CA VAL C 166 5.64 -24.18 -25.75
C VAL C 166 6.97 -24.12 -26.47
N ILE C 167 7.82 -23.20 -26.05
CA ILE C 167 9.16 -23.07 -26.61
C ILE C 167 10.01 -24.15 -25.95
N PRO C 168 10.46 -25.17 -26.67
CA PRO C 168 11.27 -26.18 -26.02
C PRO C 168 12.63 -25.64 -25.63
N TRP C 169 13.13 -26.14 -24.52
CA TRP C 169 14.45 -25.76 -24.03
C TRP C 169 15.51 -26.39 -24.91
N ILE C 170 15.98 -25.62 -25.88
CA ILE C 170 17.07 -26.04 -26.76
C ILE C 170 18.23 -25.10 -26.48
N SER C 171 19.38 -25.67 -26.16
CA SER C 171 20.57 -24.87 -25.96
C SER C 171 21.78 -25.78 -25.88
N ASN C 172 22.90 -25.23 -26.32
CA ASN C 172 24.16 -25.96 -26.22
C ASN C 172 24.50 -26.24 -24.77
N THR C 173 24.35 -25.24 -23.92
CA THR C 173 24.65 -25.39 -22.50
C THR C 173 23.43 -25.90 -21.75
N HIS C 174 23.57 -26.04 -20.45
CA HIS C 174 22.50 -26.44 -19.57
C HIS C 174 21.74 -25.24 -19.00
N PHE C 175 22.32 -24.05 -19.07
CA PHE C 175 21.70 -22.87 -18.49
C PHE C 175 22.08 -21.66 -19.32
N ARG C 176 21.08 -20.90 -19.74
CA ARG C 176 21.29 -19.57 -20.27
C ARG C 176 21.22 -18.58 -19.13
N THR C 177 21.92 -17.47 -19.30
CA THR C 177 21.88 -16.39 -18.31
C THR C 177 20.99 -15.26 -18.78
N ALA C 178 20.48 -14.53 -17.79
CA ALA C 178 19.47 -13.51 -18.06
C ALA C 178 20.04 -12.33 -18.81
N LYS C 179 21.31 -12.00 -18.57
CA LYS C 179 21.89 -10.86 -19.25
C LYS C 179 22.12 -11.20 -20.72
N THR C 180 21.84 -10.24 -21.57
CA THR C 180 21.95 -10.41 -23.01
C THR C 180 22.51 -9.12 -23.60
N GLY C 181 23.45 -9.29 -24.52
CA GLY C 181 24.11 -8.17 -25.16
C GLY C 181 25.61 -8.37 -25.13
N GLY C 182 26.29 -7.80 -26.11
CA GLY C 182 27.72 -7.94 -26.19
C GLY C 182 28.12 -9.35 -26.54
N ASN C 183 28.77 -10.03 -25.61
CA ASN C 183 29.10 -11.42 -25.73
C ASN C 183 28.12 -12.33 -25.00
N TYR C 184 27.30 -11.78 -24.11
CA TYR C 184 26.29 -12.56 -23.43
C TYR C 184 25.10 -12.90 -24.32
N ASP C 185 25.04 -12.36 -25.54
CA ASP C 185 24.04 -12.80 -26.51
C ASP C 185 24.35 -14.17 -27.09
N TYR C 186 25.46 -14.78 -26.68
CA TYR C 186 25.69 -16.19 -26.94
C TYR C 186 24.63 -17.05 -26.27
N TYR C 187 23.98 -16.53 -25.22
CA TYR C 187 22.87 -17.19 -24.56
C TYR C 187 21.52 -16.73 -25.04
N THR C 188 21.42 -16.20 -26.25
CA THR C 188 20.12 -15.80 -26.76
C THR C 188 19.33 -17.05 -27.16
N ALA C 189 18.01 -16.95 -26.98
CA ALA C 189 17.12 -18.10 -27.08
C ALA C 189 16.17 -18.00 -28.27
N GLY C 190 16.54 -17.23 -29.27
CA GLY C 190 15.74 -17.15 -30.47
C GLY C 190 14.70 -16.06 -30.38
N VAL C 191 13.73 -16.16 -31.28
CA VAL C 191 12.64 -15.20 -31.37
C VAL C 191 11.37 -15.94 -31.69
N VAL C 192 10.31 -15.60 -31.00
CA VAL C 192 8.97 -16.05 -31.33
C VAL C 192 8.37 -15.04 -32.29
N THR C 193 7.76 -15.53 -33.35
CA THR C 193 7.11 -14.69 -34.35
C THR C 193 5.77 -15.29 -34.71
N LEU C 194 4.78 -14.44 -34.83
CA LEU C 194 3.41 -14.84 -35.12
C LEU C 194 3.03 -14.31 -36.49
N TRP C 195 2.53 -15.20 -37.34
CA TRP C 195 2.21 -14.89 -38.72
C TRP C 195 0.74 -15.17 -38.99
N TYR C 196 0.16 -14.35 -39.87
CA TYR C 196 -1.15 -14.64 -40.43
C TYR C 196 -1.06 -15.89 -41.27
N GLN C 197 -1.73 -16.96 -40.85
CA GLN C 197 -1.75 -18.16 -41.66
C GLN C 197 -2.54 -17.92 -42.93
N THR C 198 -3.84 -17.65 -42.79
CA THR C 198 -4.70 -17.32 -43.92
C THR C 198 -5.13 -15.86 -43.90
N ASN C 199 -5.92 -15.46 -42.91
CA ASN C 199 -6.46 -14.10 -42.85
C ASN C 199 -7.31 -14.00 -41.59
N TYR C 200 -7.82 -12.79 -41.37
CA TYR C 200 -8.81 -12.50 -40.34
C TYR C 200 -10.10 -12.23 -41.10
N VAL C 201 -10.84 -13.29 -41.36
CA VAL C 201 -12.03 -13.21 -42.20
C VAL C 201 -13.20 -12.83 -41.33
N VAL C 202 -13.94 -11.80 -41.76
CA VAL C 202 -14.96 -11.18 -40.95
C VAL C 202 -16.29 -11.22 -41.72
N PRO C 203 -17.42 -11.44 -41.07
CA PRO C 203 -18.69 -11.30 -41.76
C PRO C 203 -19.09 -9.84 -41.85
N PRO C 204 -20.14 -9.53 -42.59
CA PRO C 204 -20.62 -8.16 -42.63
C PRO C 204 -21.16 -7.71 -41.28
N GLU C 205 -21.19 -6.39 -41.12
CA GLU C 205 -21.74 -5.74 -39.92
C GLU C 205 -21.03 -6.24 -38.67
N THR C 206 -19.71 -6.35 -38.79
CA THR C 206 -18.86 -6.77 -37.70
C THR C 206 -17.59 -5.95 -37.79
N PRO C 207 -16.99 -5.57 -36.66
CA PRO C 207 -15.72 -4.84 -36.72
C PRO C 207 -14.63 -5.67 -37.38
N GLY C 208 -13.85 -5.00 -38.23
CA GLY C 208 -12.81 -5.67 -38.99
C GLY C 208 -11.45 -5.57 -38.34
N GLU C 209 -11.42 -5.36 -37.03
CA GLU C 209 -10.18 -5.45 -36.27
C GLU C 209 -10.49 -6.12 -34.94
N ALA C 210 -9.45 -6.66 -34.33
CA ALA C 210 -9.59 -7.40 -33.09
C ALA C 210 -8.27 -7.29 -32.34
N TYR C 211 -8.12 -8.09 -31.30
CA TYR C 211 -6.91 -8.10 -30.51
C TYR C 211 -6.67 -9.50 -29.98
N ILE C 212 -5.41 -9.78 -29.70
CA ILE C 212 -4.98 -11.02 -29.05
C ILE C 212 -4.23 -10.63 -27.80
N ILE C 213 -4.40 -11.42 -26.75
CA ILE C 213 -3.71 -11.24 -25.48
C ILE C 213 -2.65 -12.32 -25.40
N ALA C 214 -1.39 -11.90 -25.32
CA ALA C 214 -0.27 -12.83 -25.27
C ALA C 214 0.11 -13.06 -23.82
N MET C 215 -0.19 -14.25 -23.32
CA MET C 215 0.10 -14.64 -21.96
C MET C 215 1.22 -15.67 -21.96
N GLY C 216 2.20 -15.47 -21.07
CA GLY C 216 3.36 -16.32 -21.01
C GLY C 216 3.66 -16.86 -19.62
N ALA C 217 4.38 -17.97 -19.56
CA ALA C 217 4.70 -18.61 -18.30
C ALA C 217 5.90 -19.53 -18.51
N ALA C 218 6.16 -20.37 -17.52
CA ALA C 218 7.25 -21.33 -17.54
C ALA C 218 6.72 -22.75 -17.43
N GLN C 219 7.36 -23.66 -18.13
CA GLN C 219 6.99 -25.05 -18.09
C GLN C 219 7.54 -25.70 -16.83
N ASP C 220 7.10 -26.93 -16.58
CA ASP C 220 7.37 -27.57 -15.30
C ASP C 220 8.84 -27.79 -15.02
N ASN C 221 9.68 -27.87 -16.06
CA ASN C 221 11.11 -28.08 -15.89
C ASN C 221 11.87 -26.78 -15.73
N PHE C 222 11.22 -25.73 -15.28
CA PHE C 222 11.90 -24.46 -15.06
C PHE C 222 12.74 -24.56 -13.80
N THR C 223 14.02 -24.24 -13.93
CA THR C 223 14.93 -24.27 -12.81
C THR C 223 15.85 -23.07 -12.92
N LEU C 224 16.29 -22.58 -11.77
CA LEU C 224 16.98 -21.31 -11.65
C LEU C 224 18.26 -21.48 -10.84
N LYS C 225 19.05 -20.43 -10.88
CA LYS C 225 20.42 -20.44 -10.39
C LYS C 225 20.60 -19.28 -9.41
N ILE C 226 21.84 -18.94 -9.13
CA ILE C 226 22.23 -18.05 -8.05
C ILE C 226 21.52 -16.70 -8.16
N CYS C 227 21.43 -16.02 -7.03
CA CYS C 227 20.63 -14.82 -6.88
C CYS C 227 21.34 -13.61 -7.45
N LYS C 228 20.56 -12.55 -7.59
CA LYS C 228 20.98 -11.36 -8.32
C LYS C 228 20.08 -10.22 -7.94
N ASP C 229 20.67 -9.06 -7.67
CA ASP C 229 19.86 -7.87 -7.47
C ASP C 229 19.20 -7.47 -8.78
N THR C 230 17.91 -7.22 -8.72
CA THR C 230 17.18 -6.86 -9.91
C THR C 230 17.62 -5.50 -10.42
N ASP C 231 17.05 -5.13 -11.55
CA ASP C 231 17.38 -3.88 -12.24
C ASP C 231 16.27 -2.85 -12.17
N GLU C 232 15.09 -3.21 -11.70
CA GLU C 232 13.92 -2.36 -11.77
C GLU C 232 13.75 -1.45 -10.57
N VAL C 233 14.80 -1.23 -9.79
CA VAL C 233 14.80 -0.29 -8.68
C VAL C 233 16.07 0.55 -8.77
N THR C 234 15.91 1.86 -8.72
CA THR C 234 17.03 2.79 -8.65
C THR C 234 16.71 3.93 -7.69
N GLN C 235 16.30 3.56 -6.47
CA GLN C 235 15.99 4.52 -5.42
C GLN C 235 17.10 5.54 -5.29
N GLN C 236 16.71 6.81 -5.35
CA GLN C 236 17.62 7.94 -5.22
C GLN C 236 17.52 8.56 -3.82
N ALA C 237 16.31 8.93 -3.42
CA ALA C 237 16.08 9.54 -2.13
C ALA C 237 15.67 8.48 -1.12
N VAL C 238 16.09 8.67 0.13
CA VAL C 238 15.65 7.79 1.20
C VAL C 238 14.22 8.13 1.56
N LEU C 239 13.41 7.10 1.73
CA LEU C 239 11.97 7.29 1.87
C LEU C 239 11.66 7.93 3.21
N GLN C 240 11.13 9.15 3.16
CA GLN C 240 10.79 9.93 4.35
C GLN C 240 9.30 10.26 4.35
N THR D 28 20.88 -33.19 11.89
CA THR D 28 22.28 -33.02 12.25
C THR D 28 22.56 -31.58 12.65
N ASN D 29 21.78 -30.64 12.10
CA ASN D 29 21.92 -29.25 12.50
C ASN D 29 21.65 -29.11 14.00
N ILE D 30 22.40 -28.21 14.64
CA ILE D 30 22.48 -28.14 16.08
C ILE D 30 22.26 -26.71 16.53
N ASN D 31 21.62 -26.56 17.68
CA ASN D 31 21.30 -25.26 18.28
C ASN D 31 21.89 -25.18 19.67
N TYR D 32 22.65 -24.12 19.92
CA TYR D 32 23.31 -23.91 21.19
C TYR D 32 22.43 -23.17 22.21
N TYR D 33 21.16 -22.99 21.92
CA TYR D 33 20.24 -22.32 22.81
C TYR D 33 18.95 -23.13 22.91
N LYS D 34 18.26 -22.96 24.03
CA LYS D 34 17.04 -23.69 24.30
C LYS D 34 15.81 -23.02 23.71
N ASP D 35 15.99 -22.08 22.79
CA ASP D 35 14.90 -21.50 22.03
C ASP D 35 14.93 -22.04 20.61
N SER D 36 13.78 -21.96 19.95
CA SER D 36 13.62 -22.53 18.63
C SER D 36 14.09 -21.61 17.52
N TYR D 37 14.05 -20.31 17.75
CA TYR D 37 14.28 -19.32 16.70
C TYR D 37 15.72 -18.85 16.64
N ALA D 38 16.65 -19.68 17.12
CA ALA D 38 18.07 -19.43 16.96
C ALA D 38 18.71 -20.35 15.92
N ALA D 39 17.92 -21.20 15.27
CA ALA D 39 18.41 -22.07 14.23
C ALA D 39 18.37 -21.37 12.88
N SER D 40 19.13 -21.90 11.94
CA SER D 40 19.34 -21.26 10.65
C SER D 40 18.52 -21.86 9.53
N ALA D 41 18.70 -23.15 9.27
CA ALA D 41 18.02 -23.87 8.19
C ALA D 41 17.51 -25.21 8.70
N SER D 42 16.79 -25.17 9.83
CA SER D 42 16.52 -26.38 10.61
C SER D 42 15.81 -27.46 9.80
N ARG D 43 14.98 -27.07 8.85
CA ARG D 43 14.38 -28.05 7.93
C ARG D 43 14.00 -27.30 6.65
N GLN D 44 14.85 -27.42 5.63
CA GLN D 44 14.42 -27.08 4.28
C GLN D 44 13.54 -28.20 3.76
N ASP D 45 12.68 -27.86 2.81
CA ASP D 45 11.67 -28.82 2.35
C ASP D 45 11.34 -28.58 0.89
N PHE D 46 11.27 -29.68 0.14
CA PHE D 46 10.74 -29.69 -1.21
C PHE D 46 9.26 -30.01 -1.11
N THR D 47 8.42 -29.02 -1.38
CA THR D 47 6.98 -29.24 -1.46
C THR D 47 6.40 -28.18 -2.38
N GLN D 48 5.96 -28.61 -3.55
CA GLN D 48 5.42 -27.73 -4.56
C GLN D 48 4.06 -28.26 -4.99
N ASP D 49 3.10 -27.35 -5.08
CA ASP D 49 1.72 -27.71 -5.39
C ASP D 49 1.22 -26.75 -6.45
N PRO D 50 1.52 -27.00 -7.72
CA PRO D 50 1.02 -26.12 -8.78
C PRO D 50 -0.50 -26.11 -8.89
N LYS D 51 -1.17 -27.09 -8.31
CA LYS D 51 -2.62 -27.17 -8.41
C LYS D 51 -3.31 -26.10 -7.57
N LYS D 52 -2.59 -25.44 -6.66
CA LYS D 52 -3.21 -24.40 -5.86
C LYS D 52 -3.43 -23.14 -6.68
N PHE D 53 -2.56 -22.87 -7.65
CA PHE D 53 -2.53 -21.63 -8.41
C PHE D 53 -2.72 -21.82 -9.90
N THR D 54 -2.08 -22.84 -10.46
CA THR D 54 -2.08 -23.00 -11.92
C THR D 54 -3.41 -23.57 -12.41
N GLN D 55 -3.98 -24.52 -11.66
CA GLN D 55 -5.25 -25.15 -12.01
C GLN D 55 -6.17 -25.13 -10.80
N PRO D 56 -6.65 -23.96 -10.40
CA PRO D 56 -7.51 -23.85 -9.22
C PRO D 56 -8.99 -24.02 -9.59
N VAL D 57 -9.30 -25.16 -10.19
CA VAL D 57 -10.57 -25.38 -10.86
C VAL D 57 -11.37 -26.43 -10.11
N LEU D 58 -12.68 -26.27 -10.13
CA LEU D 58 -13.59 -27.27 -9.59
C LEU D 58 -13.48 -28.55 -10.41
N ASP D 59 -13.91 -28.47 -11.65
CA ASP D 59 -13.94 -29.61 -12.56
C ASP D 59 -12.53 -29.80 -13.10
N SER D 60 -11.79 -30.72 -12.49
CA SER D 60 -10.39 -30.92 -12.83
C SER D 60 -10.32 -31.39 -14.28
N ILE D 61 -9.92 -30.48 -15.16
CA ILE D 61 -10.04 -30.76 -16.58
C ILE D 61 -9.05 -31.85 -16.97
N ARG D 62 -9.31 -32.47 -18.11
CA ARG D 62 -8.46 -33.54 -18.57
C ARG D 62 -7.18 -32.96 -19.16
N GLU D 63 -6.16 -33.79 -19.22
CA GLU D 63 -4.82 -33.31 -19.51
C GLU D 63 -4.62 -32.98 -20.98
N LEU D 64 -5.43 -33.57 -21.87
CA LEU D 64 -5.25 -33.37 -23.30
C LEU D 64 -6.57 -33.30 -24.07
N SER D 65 -7.68 -33.03 -23.40
CA SER D 65 -8.99 -33.00 -24.03
C SER D 65 -9.43 -31.58 -24.31
N ALA D 66 -10.68 -31.43 -24.76
CA ALA D 66 -11.26 -30.14 -25.03
C ALA D 66 -11.91 -29.59 -23.76
N PRO D 67 -11.51 -28.43 -23.23
CA PRO D 67 -12.09 -27.98 -21.96
C PRO D 67 -13.55 -27.58 -22.06
N LEU D 68 -14.01 -27.12 -23.23
CA LEU D 68 -15.39 -26.65 -23.41
C LEU D 68 -16.12 -27.51 -24.41
N GLY E 12 4.85 43.13 20.04
CA GLY E 12 3.94 42.03 19.89
C GLY E 12 4.32 41.09 18.76
N PRO E 13 3.49 40.08 18.51
CA PRO E 13 3.83 39.09 17.48
C PRO E 13 3.57 39.60 16.07
N GLU E 14 4.33 39.05 15.13
CA GLU E 14 4.13 39.27 13.71
C GLU E 14 3.25 38.18 13.09
N CYS E 15 2.40 37.56 13.90
CA CYS E 15 1.71 36.34 13.53
C CYS E 15 0.65 36.07 14.59
N PHE E 16 -0.56 35.73 14.17
CA PHE E 16 -1.71 35.59 15.05
C PHE E 16 -2.33 34.21 15.03
N THR E 17 -2.20 33.48 13.95
CA THR E 17 -2.82 32.18 13.76
C THR E 17 -1.77 31.09 13.86
N ALA E 18 -2.22 29.92 14.32
CA ALA E 18 -1.31 28.97 14.94
C ALA E 18 -0.44 28.23 13.94
N ASN E 19 -0.52 28.52 12.64
CA ASN E 19 0.32 27.88 11.64
C ASN E 19 1.40 28.79 11.09
N GLY E 20 1.16 30.10 11.04
CA GLY E 20 2.06 31.01 10.34
C GLY E 20 1.60 31.37 8.95
N ALA E 21 0.30 31.37 8.70
CA ALA E 21 -0.20 31.75 7.39
C ALA E 21 -0.07 33.25 7.18
N ASP E 22 -0.51 34.04 8.16
CA ASP E 22 -0.38 35.49 8.11
C ASP E 22 1.04 35.96 8.39
N TYR E 23 1.96 35.06 8.68
CA TYR E 23 3.34 35.43 8.98
C TYR E 23 4.05 35.83 7.69
N ARG E 24 4.49 37.08 7.63
CA ARG E 24 5.22 37.59 6.47
C ARG E 24 6.53 38.22 6.94
N GLY E 25 7.21 37.55 7.86
CA GLY E 25 8.35 38.15 8.51
C GLY E 25 9.56 38.26 7.62
N THR E 26 10.58 38.91 8.17
CA THR E 26 11.83 39.16 7.47
C THR E 26 12.80 37.99 7.54
N GLN E 27 12.48 36.94 8.28
CA GLN E 27 13.38 35.81 8.40
C GLN E 27 13.49 35.10 7.06
N ASN E 28 14.73 34.87 6.63
CA ASN E 28 15.03 34.13 5.42
C ASN E 28 15.76 32.82 5.71
N TRP E 29 16.33 32.68 6.91
CA TRP E 29 16.94 31.44 7.32
C TRP E 29 15.85 30.41 7.66
N THR E 30 16.31 29.20 7.98
CA THR E 30 15.46 28.13 8.51
C THR E 30 15.67 27.92 10.00
N ALA E 31 16.70 28.51 10.60
CA ALA E 31 16.91 28.43 12.03
C ALA E 31 17.80 29.58 12.46
N LEU E 32 17.70 29.94 13.74
CA LEU E 32 18.61 30.93 14.31
C LEU E 32 19.96 30.30 14.59
N GLN E 33 19.96 29.13 15.22
CA GLN E 33 21.16 28.33 15.42
C GLN E 33 21.27 27.32 14.30
N GLY E 34 22.39 27.35 13.58
CA GLY E 34 22.60 26.38 12.52
C GLY E 34 21.65 26.57 11.37
N GLY E 35 21.37 27.83 11.02
CA GLY E 35 20.38 28.11 10.00
C GLY E 35 20.90 27.84 8.61
N LYS E 36 19.96 27.44 7.75
CA LYS E 36 20.27 27.16 6.35
C LYS E 36 20.03 28.40 5.50
N PRO E 37 20.92 28.77 4.57
CA PRO E 37 20.55 29.82 3.60
C PRO E 37 19.49 29.31 2.63
N CYS E 38 18.27 29.80 2.76
CA CYS E 38 17.15 29.26 2.00
C CYS E 38 17.14 29.79 0.58
N LEU E 39 16.71 28.95 -0.35
CA LEU E 39 16.71 29.29 -1.76
C LEU E 39 15.47 30.10 -2.11
N PHE E 40 15.67 31.05 -3.04
CA PHE E 40 14.62 32.01 -3.36
C PHE E 40 13.47 31.32 -4.06
N TRP E 41 12.27 31.84 -3.83
CA TRP E 41 11.06 31.22 -4.35
C TRP E 41 10.97 31.27 -5.86
N ASN E 42 11.78 32.10 -6.53
CA ASN E 42 11.66 32.33 -7.96
C ASN E 42 12.64 31.53 -8.81
N GLU E 43 13.62 30.82 -8.21
CA GLU E 43 14.35 29.77 -8.92
C GLU E 43 13.95 28.37 -8.50
N THR E 44 13.23 28.21 -7.40
CA THR E 44 12.89 26.90 -6.87
C THR E 44 11.61 26.45 -7.58
N PHE E 45 11.80 25.91 -8.79
CA PHE E 45 10.69 25.51 -9.65
C PHE E 45 10.60 24.01 -9.88
N GLN E 46 11.69 23.26 -9.69
CA GLN E 46 11.56 21.81 -9.72
C GLN E 46 10.78 21.32 -8.49
N HIS E 47 10.84 22.05 -7.40
CA HIS E 47 9.99 21.76 -6.26
C HIS E 47 8.59 22.30 -6.53
N PRO E 48 7.55 21.77 -5.86
CA PRO E 48 6.18 22.07 -6.29
C PRO E 48 5.75 23.52 -6.12
N TYR E 49 6.39 24.32 -5.26
CA TYR E 49 5.98 25.71 -5.04
C TYR E 49 7.03 26.65 -5.61
N ASN E 50 6.58 27.57 -6.46
CA ASN E 50 7.43 28.56 -7.09
C ASN E 50 6.55 29.77 -7.40
N THR E 51 7.08 30.68 -8.24
CA THR E 51 6.40 31.92 -8.56
C THR E 51 5.90 31.98 -10.00
N LEU E 52 6.21 30.98 -10.84
CA LEU E 52 5.73 31.02 -12.22
C LEU E 52 4.24 30.71 -12.29
N LYS E 53 3.84 29.53 -11.80
CA LYS E 53 2.43 29.16 -11.75
C LYS E 53 1.70 29.72 -10.54
N TYR E 54 2.33 30.63 -9.79
CA TYR E 54 1.70 31.33 -8.67
C TYR E 54 1.94 32.82 -8.82
N PRO E 55 1.23 33.48 -9.74
CA PRO E 55 1.33 34.93 -9.84
C PRO E 55 0.42 35.65 -8.84
N ASN E 56 0.88 36.83 -8.43
CA ASN E 56 0.19 37.66 -7.45
C ASN E 56 0.19 37.04 -6.05
N GLY E 57 1.28 36.33 -5.74
CA GLY E 57 1.65 36.04 -4.37
C GLY E 57 0.60 35.37 -3.51
N GLU E 58 0.25 34.12 -3.81
CA GLU E 58 -0.62 33.33 -2.95
C GLU E 58 0.19 32.86 -1.75
N GLY E 59 0.09 33.60 -0.65
CA GLY E 59 0.78 33.24 0.56
C GLY E 59 2.16 33.85 0.69
N GLY E 60 2.27 35.15 0.39
CA GLY E 60 3.53 35.84 0.57
C GLY E 60 4.62 35.39 -0.37
N LEU E 61 4.26 34.83 -1.53
CA LEU E 61 5.23 34.35 -2.49
C LEU E 61 5.65 35.48 -3.42
N GLY E 62 6.96 35.70 -3.51
CA GLY E 62 7.49 36.74 -4.38
C GLY E 62 8.97 36.58 -4.64
N GLU E 63 9.68 37.70 -4.72
CA GLU E 63 11.11 37.72 -4.99
C GLU E 63 11.89 37.77 -3.67
N HIS E 64 11.82 36.69 -2.92
CA HIS E 64 12.50 36.60 -1.63
C HIS E 64 12.68 35.12 -1.29
N ASN E 65 13.21 34.86 -0.09
CA ASN E 65 13.47 33.52 0.39
C ASN E 65 12.95 33.34 1.81
N TYR E 66 11.85 34.02 2.15
CA TYR E 66 11.32 33.98 3.51
C TYR E 66 10.39 32.79 3.69
N CYS E 67 10.46 32.20 4.89
CA CYS E 67 9.63 31.04 5.20
C CYS E 67 8.18 31.45 5.29
N ARG E 68 7.34 30.79 4.50
CA ARG E 68 5.91 31.04 4.43
C ARG E 68 5.17 29.71 4.62
N ASN E 69 3.86 29.71 4.38
CA ASN E 69 3.04 28.50 4.49
C ASN E 69 1.95 28.54 3.42
N PRO E 70 2.31 28.31 2.16
CA PRO E 70 1.33 28.32 1.08
C PRO E 70 0.62 27.01 0.80
N ASP E 71 0.95 25.94 1.53
CA ASP E 71 0.35 24.62 1.32
C ASP E 71 -0.74 24.27 2.33
N GLY E 72 -0.89 25.05 3.40
CA GLY E 72 -1.80 24.69 4.46
C GLY E 72 -1.21 23.71 5.45
N ASP E 73 0.09 23.84 5.74
CA ASP E 73 0.80 22.91 6.60
C ASP E 73 0.76 23.39 8.04
N VAL E 74 1.44 22.66 8.92
CA VAL E 74 1.41 22.96 10.36
C VAL E 74 2.50 23.93 10.80
N SER E 75 3.40 24.34 9.92
CA SER E 75 4.52 25.18 10.30
C SER E 75 4.88 26.06 9.11
N PRO E 76 5.63 27.16 9.34
CA PRO E 76 6.22 27.88 8.21
C PRO E 76 7.49 27.18 7.74
N TRP E 77 7.71 27.16 6.43
CA TRP E 77 8.80 26.41 5.86
C TRP E 77 9.22 27.04 4.54
N CYS E 78 10.30 26.49 3.98
CA CYS E 78 10.77 26.87 2.66
C CYS E 78 11.43 25.64 2.04
N TYR E 79 12.18 25.86 0.96
CA TYR E 79 12.86 24.79 0.24
C TYR E 79 14.36 25.05 0.27
N VAL E 80 15.12 24.05 0.69
CA VAL E 80 16.57 24.12 0.74
C VAL E 80 17.13 22.81 0.20
N ALA E 81 18.27 22.89 -0.46
CA ALA E 81 18.99 21.72 -0.92
C ALA E 81 19.78 21.13 0.24
N GLU E 82 20.64 20.14 -0.07
CA GLU E 82 21.38 19.46 0.98
C GLU E 82 22.67 18.89 0.44
N HIS E 83 23.60 18.64 1.36
CA HIS E 83 24.82 17.88 1.09
C HIS E 83 24.58 16.40 1.41
N GLU E 84 23.55 15.85 0.75
CA GLU E 84 23.09 14.47 0.91
C GLU E 84 22.84 14.10 2.37
N ASP E 85 22.52 15.08 3.21
CA ASP E 85 22.17 14.86 4.61
C ASP E 85 20.99 15.74 4.98
N GLY E 86 20.01 15.84 4.09
CA GLY E 86 18.82 16.61 4.36
C GLY E 86 17.70 16.25 3.40
N VAL E 87 16.54 16.83 3.67
CA VAL E 87 15.36 16.67 2.85
C VAL E 87 15.08 18.00 2.15
N TYR E 88 14.35 17.93 1.04
CA TYR E 88 14.25 19.08 0.13
C TYR E 88 13.55 20.29 0.74
N TRP E 89 12.91 20.14 1.90
CA TRP E 89 12.28 21.23 2.63
C TRP E 89 12.87 21.31 4.03
N LYS E 90 12.36 22.27 4.81
CA LYS E 90 12.78 22.43 6.19
C LYS E 90 11.77 23.32 6.91
N TYR E 91 11.30 22.86 8.07
CA TYR E 91 10.43 23.68 8.89
C TYR E 91 11.25 24.78 9.55
N CYS E 92 10.76 26.00 9.45
CA CYS E 92 11.45 27.17 9.97
C CYS E 92 10.95 27.49 11.37
N GLU E 93 11.89 27.75 12.28
CA GLU E 93 11.57 28.15 13.64
C GLU E 93 11.65 29.66 13.75
N ILE E 94 10.52 30.27 14.14
CA ILE E 94 10.39 31.71 14.27
C ILE E 94 9.97 31.99 15.71
N PRO E 95 10.79 32.64 16.54
CA PRO E 95 10.36 32.88 17.92
C PRO E 95 9.27 33.91 18.06
N ALA E 96 9.01 34.71 17.02
CA ALA E 96 8.01 35.76 17.08
C ALA E 96 6.60 35.24 16.82
N CYS E 97 6.45 34.23 15.95
CA CYS E 97 5.12 33.70 15.63
C CYS E 97 4.78 32.62 16.65
N GLN E 98 4.43 33.11 17.84
CA GLN E 98 3.76 32.32 18.86
C GLN E 98 2.55 33.12 19.28
N MET E 99 1.36 32.66 18.89
CA MET E 99 0.18 33.48 19.06
C MET E 99 -0.09 33.74 20.54
N PRO E 100 -0.63 34.91 20.90
CA PRO E 100 -1.02 35.13 22.29
C PRO E 100 -2.15 34.17 22.66
N GLY E 101 -1.93 33.42 23.74
CA GLY E 101 -2.71 32.24 24.03
C GLY E 101 -1.93 30.95 23.84
N ASN E 102 -0.70 31.02 23.33
CA ASN E 102 0.22 29.89 23.26
C ASN E 102 1.33 30.11 24.26
N LEU E 103 1.45 29.19 25.22
CA LEU E 103 2.49 29.24 26.24
C LEU E 103 3.76 28.54 25.81
N GLY E 104 3.92 28.27 24.51
CA GLY E 104 5.06 27.55 24.00
C GLY E 104 4.80 26.06 23.88
N CYS E 105 5.86 25.33 23.57
CA CYS E 105 5.87 23.87 23.56
C CYS E 105 7.03 23.42 24.43
N TYR E 106 6.81 22.35 25.19
CA TYR E 106 7.77 21.86 26.15
C TYR E 106 7.91 20.35 26.01
N LYS E 107 9.03 19.84 26.50
CA LYS E 107 9.30 18.42 26.44
C LYS E 107 8.66 17.71 27.61
N ASP E 108 8.07 16.56 27.34
CA ASP E 108 7.46 15.72 28.36
C ASP E 108 8.44 14.65 28.80
N HIS E 109 8.18 14.10 29.98
CA HIS E 109 9.03 13.08 30.59
C HIS E 109 8.29 11.87 31.11
N GLY E 110 7.04 12.02 31.55
CA GLY E 110 6.28 10.95 32.16
C GLY E 110 5.72 11.35 33.51
N ASN E 111 6.16 10.65 34.56
CA ASN E 111 5.52 10.74 35.86
C ASN E 111 6.45 11.39 36.87
N PRO E 112 6.07 12.46 37.58
CA PRO E 112 4.79 13.19 37.55
C PRO E 112 4.66 14.06 36.31
N PRO E 113 3.46 14.21 35.74
CA PRO E 113 3.32 15.09 34.59
C PRO E 113 3.42 16.55 35.04
N PRO E 114 3.72 17.47 34.12
CA PRO E 114 3.68 18.88 34.52
C PRO E 114 2.26 19.38 34.71
N LEU E 115 1.33 18.96 33.85
CA LEU E 115 -0.10 19.26 33.99
C LEU E 115 -0.76 18.05 34.62
N THR E 116 -0.97 18.13 35.94
CA THR E 116 -1.51 17.06 36.77
C THR E 116 -3.00 17.27 37.00
N GLY E 117 -3.71 17.67 35.95
CA GLY E 117 -5.16 17.75 35.99
C GLY E 117 -5.82 16.48 35.48
N THR E 118 -6.74 16.64 34.54
CA THR E 118 -7.48 15.54 33.95
C THR E 118 -6.92 15.23 32.58
N SER E 119 -6.79 13.94 32.28
CA SER E 119 -6.19 13.45 31.04
C SER E 119 -7.20 12.60 30.30
N LYS E 120 -7.35 12.84 29.01
CA LYS E 120 -8.27 12.11 28.16
C LYS E 120 -7.60 11.79 26.84
N THR E 121 -8.34 11.10 25.97
CA THR E 121 -7.81 10.65 24.70
C THR E 121 -8.97 10.44 23.73
N SER E 122 -8.78 10.90 22.49
CA SER E 122 -9.75 10.71 21.43
C SER E 122 -9.03 10.30 20.16
N ASN E 123 -9.73 10.33 19.03
CA ASN E 123 -9.15 10.04 17.72
C ASN E 123 -9.44 11.11 16.68
N LYS E 124 -10.41 11.99 16.92
CA LYS E 124 -10.68 13.16 16.08
C LYS E 124 -10.45 14.43 16.88
N LEU E 125 -9.41 14.42 17.70
CA LEU E 125 -9.07 15.56 18.53
C LEU E 125 -8.45 16.63 17.65
N THR E 126 -9.14 17.76 17.52
CA THR E 126 -8.53 18.99 17.07
C THR E 126 -8.10 19.78 18.31
N ILE E 127 -7.78 21.06 18.13
CA ILE E 127 -7.20 21.84 19.22
C ILE E 127 -8.27 22.24 20.22
N GLN E 128 -9.36 22.83 19.75
CA GLN E 128 -10.34 23.44 20.64
C GLN E 128 -11.13 22.40 21.43
N THR E 129 -11.11 21.13 21.04
CA THR E 129 -11.84 20.12 21.79
C THR E 129 -11.25 19.95 23.19
N CYS E 130 -9.94 20.16 23.34
CA CYS E 130 -9.33 20.14 24.67
C CYS E 130 -9.62 21.43 25.41
N ILE E 131 -9.57 22.56 24.71
CA ILE E 131 -9.80 23.84 25.37
C ILE E 131 -11.25 23.94 25.81
N SER E 132 -12.17 23.26 25.11
CA SER E 132 -13.54 23.14 25.61
C SER E 132 -13.62 22.23 26.82
N PHE E 133 -12.65 21.34 26.99
CA PHE E 133 -12.67 20.36 28.07
C PHE E 133 -12.05 20.89 29.36
N CYS E 134 -10.89 21.53 29.29
CA CYS E 134 -10.31 22.17 30.46
C CYS E 134 -11.18 23.32 30.96
N ARG E 135 -11.93 23.96 30.05
CA ARG E 135 -12.87 24.99 30.46
C ARG E 135 -14.08 24.38 31.17
N SER E 136 -14.48 23.18 30.75
CA SER E 136 -15.56 22.48 31.43
C SER E 136 -15.17 22.02 32.82
N GLN E 137 -13.87 21.96 33.12
CA GLN E 137 -13.35 21.58 34.43
C GLN E 137 -12.57 22.70 35.09
N ARG E 138 -12.58 23.90 34.53
CA ARG E 138 -11.99 25.08 35.14
C ARG E 138 -10.50 24.90 35.40
N PHE E 139 -9.83 24.23 34.47
CA PHE E 139 -8.36 24.16 34.44
C PHE E 139 -7.88 25.12 33.37
N LYS E 140 -7.01 26.05 33.77
CA LYS E 140 -6.68 27.19 32.94
C LYS E 140 -5.55 26.92 31.94
N PHE E 141 -5.08 25.68 31.84
CA PHE E 141 -4.08 25.30 30.86
C PHE E 141 -4.48 23.97 30.24
N ALA E 142 -4.12 23.79 28.98
CA ALA E 142 -4.43 22.59 28.21
C ALA E 142 -3.15 21.95 27.70
N GLY E 143 -3.29 20.72 27.20
CA GLY E 143 -2.15 19.98 26.70
C GLY E 143 -2.50 18.89 25.71
N MET E 144 -1.84 18.91 24.55
CA MET E 144 -1.97 17.87 23.54
C MET E 144 -0.73 16.97 23.56
N GLU E 145 -0.92 15.73 23.13
CA GLU E 145 0.19 14.78 22.97
C GLU E 145 -0.04 14.03 21.66
N SER E 146 0.65 14.47 20.60
CA SER E 146 0.73 13.73 19.35
C SER E 146 -0.63 13.52 18.69
N GLY E 147 -1.57 14.44 18.92
CA GLY E 147 -2.76 14.53 18.11
C GLY E 147 -3.96 13.73 18.61
N TYR E 148 -3.79 12.87 19.61
CA TYR E 148 -4.88 12.03 20.12
C TYR E 148 -5.20 12.23 21.58
N ALA E 149 -4.27 12.75 22.38
CA ALA E 149 -4.41 12.79 23.82
C ALA E 149 -4.68 14.21 24.30
N CYS E 150 -5.53 14.31 25.32
CA CYS E 150 -5.84 15.55 26.00
C CYS E 150 -5.21 15.56 27.38
N PHE E 151 -4.82 16.75 27.83
CA PHE E 151 -4.12 16.89 29.12
C PHE E 151 -4.43 18.28 29.67
N CYS E 152 -5.39 18.35 30.58
CA CYS E 152 -5.74 19.59 31.24
C CYS E 152 -4.89 19.73 32.51
N GLY E 153 -5.08 20.82 33.24
CA GLY E 153 -4.41 21.04 34.49
C GLY E 153 -4.24 22.52 34.77
N ASN E 154 -4.18 22.84 36.07
CA ASN E 154 -4.01 24.21 36.55
C ASN E 154 -2.58 24.50 36.99
N ASN E 155 -1.64 23.61 36.72
CA ASN E 155 -0.34 23.76 37.36
C ASN E 155 0.48 24.83 36.64
N PRO E 156 1.15 25.73 37.36
CA PRO E 156 2.01 26.72 36.70
C PRO E 156 3.48 26.32 36.57
N ASP E 157 3.84 25.08 36.88
CA ASP E 157 5.22 24.60 36.79
C ASP E 157 5.43 23.71 35.58
N TYR E 158 4.80 24.07 34.47
CA TYR E 158 4.97 23.35 33.21
C TYR E 158 6.39 23.44 32.65
N TRP E 159 7.17 24.42 33.09
CA TRP E 159 8.53 24.65 32.61
C TRP E 159 9.57 23.82 33.35
N LYS E 160 9.14 22.91 34.24
CA LYS E 160 10.06 22.19 35.10
C LYS E 160 11.06 21.33 34.34
N TYR E 161 10.71 20.79 33.17
CA TYR E 161 11.57 19.85 32.47
C TYR E 161 12.48 20.51 31.44
N GLY E 162 12.05 21.62 30.83
CA GLY E 162 12.89 22.36 29.91
C GLY E 162 12.19 22.89 28.68
N GLU E 163 12.58 24.08 28.25
CA GLU E 163 12.06 24.68 27.04
C GLU E 163 12.71 24.04 25.82
N ALA E 164 11.91 23.79 24.78
CA ALA E 164 12.36 23.12 23.57
C ALA E 164 11.90 23.91 22.37
N ALA E 165 12.60 23.73 21.25
CA ALA E 165 12.30 24.47 20.04
C ALA E 165 10.90 24.11 19.54
N SER E 166 10.33 25.02 18.75
CA SER E 166 8.97 24.89 18.24
C SER E 166 8.91 24.19 16.89
N THR E 167 10.00 23.53 16.47
CA THR E 167 10.06 22.83 15.19
C THR E 167 9.62 21.38 15.31
N GLU E 168 10.25 20.62 16.20
CA GLU E 168 9.90 19.22 16.41
C GLU E 168 8.65 19.04 17.28
N CYS E 169 7.99 20.13 17.67
CA CYS E 169 6.73 20.09 18.41
C CYS E 169 5.52 20.04 17.48
N ASN E 170 5.70 19.61 16.23
CA ASN E 170 4.74 19.87 15.17
C ASN E 170 4.21 18.60 14.52
N SER E 171 3.82 17.63 15.33
CA SER E 171 3.05 16.49 14.82
C SER E 171 1.60 16.92 14.62
N VAL E 172 1.01 16.43 13.54
CA VAL E 172 -0.29 16.92 13.09
C VAL E 172 -1.40 16.39 13.98
N CYS E 173 -2.46 17.17 14.12
CA CYS E 173 -3.65 16.73 14.82
C CYS E 173 -4.44 15.74 13.96
N PHE E 174 -5.06 14.76 14.62
CA PHE E 174 -5.88 13.79 13.90
C PHE E 174 -7.22 14.39 13.52
N GLY E 175 -7.73 15.34 14.29
CA GLY E 175 -9.00 15.96 13.98
C GLY E 175 -8.92 16.71 12.67
N ASP E 176 -8.15 17.79 12.64
CA ASP E 176 -7.88 18.57 11.44
C ASP E 176 -6.43 18.39 11.06
N HIS E 177 -6.18 18.19 9.76
CA HIS E 177 -4.85 17.85 9.24
C HIS E 177 -4.09 19.06 8.74
N THR E 178 -4.29 20.22 9.36
CA THR E 178 -3.63 21.47 8.97
C THR E 178 -3.00 22.23 10.12
N GLN E 179 -3.11 21.74 11.35
CA GLN E 179 -2.55 22.40 12.52
C GLN E 179 -1.81 21.38 13.37
N PRO E 180 -0.81 21.80 14.16
CA PRO E 180 -0.07 20.85 14.99
C PRO E 180 -0.68 20.66 16.37
N CYS E 181 -0.49 19.45 16.90
CA CYS E 181 -0.91 19.07 18.23
C CYS E 181 0.25 18.44 18.99
N GLY E 182 1.44 19.03 18.84
CA GLY E 182 2.58 18.67 19.66
C GLY E 182 3.47 17.62 19.06
N GLY E 183 3.98 16.72 19.90
CA GLY E 183 4.78 15.60 19.47
C GLY E 183 4.63 14.46 20.45
N ASP E 184 5.21 13.32 20.10
CA ASP E 184 5.22 12.17 21.00
C ASP E 184 6.30 12.39 22.05
N GLY E 185 5.86 12.65 23.27
CA GLY E 185 6.76 13.08 24.33
C GLY E 185 7.02 14.57 24.36
N ARG E 186 6.24 15.36 23.63
CA ARG E 186 6.40 16.81 23.59
C ARG E 186 5.02 17.44 23.66
N ILE E 187 4.87 18.40 24.57
CA ILE E 187 3.58 19.00 24.87
C ILE E 187 3.52 20.39 24.24
N ILE E 188 2.31 20.82 23.92
CA ILE E 188 2.02 22.22 23.61
C ILE E 188 0.99 22.70 24.61
N LEU E 189 1.04 24.00 24.91
CA LEU E 189 0.26 24.58 26.00
C LEU E 189 -0.51 25.78 25.48
N PHE E 190 -1.83 25.67 25.47
CA PHE E 190 -2.73 26.74 25.08
C PHE E 190 -3.56 27.16 26.28
N ASP E 191 -3.74 28.46 26.44
CA ASP E 191 -4.54 28.98 27.53
C ASP E 191 -6.02 28.76 27.24
N THR E 192 -6.82 28.86 28.29
CA THR E 192 -8.25 28.60 28.21
C THR E 192 -9.07 29.86 27.91
N LEU E 193 -8.52 31.05 28.19
CA LEU E 193 -9.26 32.27 27.88
C LEU E 193 -9.50 32.40 26.38
N VAL E 194 -8.53 32.02 25.57
CA VAL E 194 -8.74 31.95 24.14
C VAL E 194 -9.56 30.70 23.82
N GLY E 195 -10.09 30.66 22.61
CA GLY E 195 -10.96 29.56 22.23
C GLY E 195 -12.21 29.49 23.07
N ALA E 196 -12.72 30.63 23.51
CA ALA E 196 -13.91 30.69 24.33
C ALA E 196 -14.57 32.05 24.13
N CYS E 197 -15.56 32.35 24.97
CA CYS E 197 -16.15 33.68 25.00
C CYS E 197 -16.53 34.00 26.44
N GLY E 198 -17.15 35.15 26.61
CA GLY E 198 -17.69 35.51 27.90
C GLY E 198 -16.63 35.89 28.91
N GLY E 199 -17.06 35.93 30.17
CA GLY E 199 -16.17 36.26 31.25
C GLY E 199 -15.81 37.73 31.26
N ASN E 200 -14.87 38.06 32.14
CA ASN E 200 -14.40 39.43 32.34
C ASN E 200 -12.89 39.47 32.15
N TYR E 201 -12.42 40.56 31.53
CA TYR E 201 -11.00 40.76 31.25
C TYR E 201 -10.50 41.93 32.09
N SER E 202 -9.97 41.61 33.27
CA SER E 202 -9.37 42.61 34.14
C SER E 202 -7.88 42.82 33.85
N ALA E 203 -7.30 42.01 32.97
CA ALA E 203 -5.91 42.21 32.58
C ALA E 203 -5.81 43.37 31.60
N MET E 204 -4.57 43.77 31.30
CA MET E 204 -4.33 45.03 30.61
C MET E 204 -4.42 44.89 29.09
N SER E 205 -3.50 44.14 28.50
CA SER E 205 -3.44 43.97 27.05
C SER E 205 -3.42 42.46 26.82
N SER E 206 -4.61 41.88 26.87
CA SER E 206 -4.84 40.49 26.49
C SER E 206 -5.50 40.51 25.12
N VAL E 207 -5.76 39.33 24.59
CA VAL E 207 -6.20 39.15 23.22
C VAL E 207 -7.52 38.40 23.24
N VAL E 208 -8.52 38.95 22.53
CA VAL E 208 -9.85 38.39 22.47
C VAL E 208 -10.00 37.69 21.13
N TYR E 209 -10.33 36.40 21.18
CA TYR E 209 -10.39 35.54 20.01
C TYR E 209 -11.84 35.15 19.74
N SER E 210 -12.05 34.49 18.61
CA SER E 210 -13.37 34.09 18.20
C SER E 210 -13.91 33.01 19.15
N PRO E 211 -15.22 32.79 19.19
CA PRO E 211 -15.73 31.58 19.82
C PRO E 211 -15.28 30.35 19.06
N ASP E 212 -14.86 29.34 19.79
CA ASP E 212 -14.38 28.08 19.24
C ASP E 212 -13.22 28.30 18.27
N PHE E 213 -12.27 29.14 18.68
CA PHE E 213 -11.03 29.29 17.94
C PHE E 213 -10.09 28.11 18.25
N PRO E 214 -9.38 27.57 17.26
CA PRO E 214 -9.20 27.89 15.83
C PRO E 214 -10.32 27.40 14.93
N ASP E 215 -11.24 26.60 15.45
CA ASP E 215 -12.27 26.01 14.60
C ASP E 215 -13.23 27.09 14.13
N THR E 216 -14.09 26.71 13.20
CA THR E 216 -15.19 27.58 12.80
C THR E 216 -16.18 27.68 13.94
N TYR E 217 -16.72 28.88 14.14
CA TYR E 217 -17.75 29.04 15.17
C TYR E 217 -18.94 28.15 14.85
N ALA E 218 -19.66 27.76 15.89
CA ALA E 218 -20.74 26.80 15.72
C ALA E 218 -22.00 27.50 15.23
N THR E 219 -23.06 26.73 15.08
CA THR E 219 -24.31 27.22 14.52
C THR E 219 -25.01 28.12 15.53
N GLY E 220 -24.88 29.43 15.34
CA GLY E 220 -25.57 30.40 16.19
C GLY E 220 -24.92 30.57 17.54
N ARG E 221 -23.64 30.95 17.55
CA ARG E 221 -22.90 31.21 18.78
C ARG E 221 -23.09 32.69 19.13
N VAL E 222 -23.89 32.93 20.16
CA VAL E 222 -24.23 34.29 20.61
C VAL E 222 -23.73 34.41 22.04
N CYS E 223 -22.99 35.48 22.31
CA CYS E 223 -22.31 35.63 23.59
C CYS E 223 -21.77 37.05 23.68
N TYR E 224 -21.46 37.47 24.91
CA TYR E 224 -21.02 38.84 25.21
C TYR E 224 -19.71 38.80 25.97
N TRP E 225 -18.69 39.44 25.43
CA TRP E 225 -17.46 39.65 26.16
C TRP E 225 -17.61 40.86 27.09
N THR E 226 -16.69 40.96 28.03
CA THR E 226 -16.70 42.05 29.01
C THR E 226 -15.26 42.48 29.24
N ILE E 227 -14.96 43.73 28.88
CA ILE E 227 -13.65 44.34 29.08
C ILE E 227 -13.88 45.52 30.03
N ARG E 228 -13.65 45.29 31.32
CA ARG E 228 -13.73 46.33 32.35
C ARG E 228 -12.32 46.58 32.85
N VAL E 229 -11.74 47.69 32.43
CA VAL E 229 -10.39 48.11 32.80
C VAL E 229 -10.53 49.27 33.78
N PRO E 230 -9.74 49.32 34.88
CA PRO E 230 -9.86 50.47 35.80
C PRO E 230 -9.17 51.72 35.25
N GLY E 231 -9.97 52.73 34.93
CA GLY E 231 -9.43 54.05 34.67
C GLY E 231 -8.67 54.23 33.37
N ALA E 232 -9.01 53.46 32.34
CA ALA E 232 -8.32 53.57 31.07
C ALA E 232 -8.93 54.69 30.22
N SER E 233 -8.06 55.49 29.61
CA SER E 233 -8.52 56.66 28.88
C SER E 233 -9.20 56.27 27.57
N HIS E 234 -8.53 55.47 26.76
CA HIS E 234 -9.06 55.03 25.48
C HIS E 234 -8.62 53.60 25.20
N ILE E 235 -9.47 52.88 24.48
CA ILE E 235 -9.26 51.48 24.13
C ILE E 235 -9.08 51.43 22.61
N HIS E 236 -7.95 50.88 22.17
CA HIS E 236 -7.57 50.84 20.77
C HIS E 236 -7.68 49.42 20.26
N PHE E 237 -8.66 49.18 19.39
CA PHE E 237 -8.89 47.86 18.82
C PHE E 237 -8.09 47.68 17.54
N SER E 238 -8.05 46.43 17.05
CA SER E 238 -7.41 46.11 15.79
C SER E 238 -8.07 44.88 15.19
N PHE E 239 -7.81 44.64 13.92
CA PHE E 239 -8.39 43.53 13.16
C PHE E 239 -7.32 42.89 12.29
N PRO E 240 -6.36 42.18 12.91
CA PRO E 240 -5.38 41.47 12.08
C PRO E 240 -6.02 40.38 11.25
N LEU E 241 -6.84 39.54 11.87
CA LEU E 241 -7.58 38.47 11.18
C LEU E 241 -9.06 38.72 11.38
N PHE E 242 -9.77 38.98 10.27
CA PHE E 242 -11.21 39.23 10.32
C PHE E 242 -11.77 38.83 8.95
N ASP E 243 -12.33 37.62 8.89
CA ASP E 243 -12.88 37.06 7.67
C ASP E 243 -14.29 36.57 7.95
N ILE E 244 -15.27 37.36 7.52
CA ILE E 244 -16.70 37.03 7.65
C ILE E 244 -17.26 36.89 6.24
N ARG E 245 -18.02 35.83 6.02
CA ARG E 245 -18.50 35.47 4.68
C ARG E 245 -19.99 35.72 4.50
N ASP E 246 -20.82 35.30 5.45
CA ASP E 246 -22.24 35.59 5.41
C ASP E 246 -22.51 36.94 6.07
N SER E 247 -23.54 37.62 5.58
CA SER E 247 -23.85 38.96 6.09
C SER E 247 -24.51 38.89 7.47
N ALA E 248 -25.32 37.86 7.72
CA ALA E 248 -26.04 37.78 8.98
C ALA E 248 -25.08 37.54 10.15
N ASP E 249 -23.90 36.98 9.87
CA ASP E 249 -22.86 36.91 10.89
C ASP E 249 -22.27 38.31 11.08
N MET E 250 -22.42 38.88 12.28
CA MET E 250 -21.96 40.23 12.56
C MET E 250 -21.10 40.28 13.81
N VAL E 251 -20.38 41.38 13.93
CA VAL E 251 -19.63 41.74 15.12
C VAL E 251 -20.04 43.16 15.49
N GLU E 252 -20.38 43.36 16.77
CA GLU E 252 -20.87 44.63 17.26
C GLU E 252 -20.08 45.05 18.48
N LEU E 253 -19.56 46.28 18.45
CA LEU E 253 -18.90 46.90 19.59
C LEU E 253 -19.94 47.75 20.30
N LEU E 254 -20.41 47.28 21.45
CA LEU E 254 -21.49 47.92 22.20
C LEU E 254 -20.92 48.69 23.38
N ASP E 255 -21.68 49.68 23.82
CA ASP E 255 -21.37 50.36 25.06
C ASP E 255 -21.84 49.51 26.25
N GLY E 256 -21.16 49.67 27.37
CA GLY E 256 -21.42 48.82 28.52
C GLY E 256 -22.39 49.42 29.51
N TYR E 257 -22.38 50.74 29.63
CA TYR E 257 -23.22 51.40 30.61
C TYR E 257 -24.66 51.53 30.11
N THR E 258 -24.82 52.01 28.88
CA THR E 258 -26.14 52.28 28.31
C THR E 258 -26.58 51.27 27.27
N HIS E 259 -25.73 50.30 26.90
CA HIS E 259 -26.05 49.30 25.88
C HIS E 259 -26.40 49.97 24.57
N ARG E 260 -25.40 50.63 24.00
CA ARG E 260 -25.54 51.49 22.83
C ARG E 260 -24.62 50.98 21.72
N VAL E 261 -25.08 51.10 20.47
CA VAL E 261 -24.30 50.66 19.33
C VAL E 261 -23.35 51.77 18.91
N LEU E 262 -22.09 51.42 18.69
CA LEU E 262 -21.04 52.34 18.28
C LEU E 262 -20.44 51.99 16.93
N ALA E 263 -20.29 50.71 16.61
CA ALA E 263 -19.75 50.29 15.33
C ALA E 263 -20.32 48.93 14.97
N ARG E 264 -20.24 48.59 13.69
CA ARG E 264 -20.78 47.34 13.16
C ARG E 264 -19.89 46.86 12.03
N PHE E 265 -19.58 45.56 12.05
CA PHE E 265 -18.82 44.92 10.99
C PHE E 265 -19.44 43.57 10.67
N HIS E 266 -19.51 43.25 9.39
CA HIS E 266 -19.97 41.94 8.93
C HIS E 266 -19.29 41.63 7.61
N GLY E 267 -19.75 40.58 6.92
CA GLY E 267 -19.10 40.10 5.73
C GLY E 267 -19.09 41.08 4.56
N ARG E 268 -19.93 42.10 4.59
CA ARG E 268 -19.99 43.08 3.51
C ARG E 268 -19.24 44.37 3.81
N SER E 269 -19.12 44.74 5.09
CA SER E 269 -18.39 45.93 5.52
C SER E 269 -17.01 45.48 6.00
N ARG E 270 -16.00 45.68 5.16
CA ARG E 270 -14.67 45.20 5.51
C ARG E 270 -14.08 46.07 6.62
N PRO E 271 -13.19 45.51 7.45
CA PRO E 271 -12.68 46.26 8.59
C PRO E 271 -11.59 47.22 8.16
N PRO E 272 -11.39 48.34 8.88
CA PRO E 272 -10.17 49.13 8.66
C PRO E 272 -8.99 48.54 9.41
N LEU E 273 -7.86 49.24 9.40
CA LEU E 273 -6.70 48.81 10.19
C LEU E 273 -7.02 48.88 11.68
N SER E 274 -7.40 50.06 12.16
CA SER E 274 -7.71 50.26 13.57
C SER E 274 -8.46 51.57 13.72
N PHE E 275 -9.12 51.72 14.86
CA PHE E 275 -9.72 52.99 15.23
C PHE E 275 -9.87 53.05 16.75
N ASN E 276 -9.65 54.24 17.31
CA ASN E 276 -9.64 54.40 18.76
C ASN E 276 -11.06 54.45 19.29
N VAL E 277 -11.31 53.68 20.34
CA VAL E 277 -12.59 53.62 21.03
C VAL E 277 -12.35 54.22 22.41
N SER E 278 -12.77 55.46 22.61
CA SER E 278 -12.38 56.24 23.78
C SER E 278 -13.44 56.17 24.88
N LEU E 279 -13.59 54.98 25.46
CA LEU E 279 -14.35 54.81 26.68
C LEU E 279 -13.70 53.69 27.50
N ASP E 280 -14.20 53.49 28.72
CA ASP E 280 -13.58 52.61 29.70
C ASP E 280 -14.29 51.28 29.90
N PHE E 281 -15.52 51.10 29.39
CA PHE E 281 -16.29 49.88 29.60
C PHE E 281 -17.05 49.59 28.31
N VAL E 282 -16.46 48.71 27.49
CA VAL E 282 -17.01 48.37 26.18
C VAL E 282 -17.45 46.92 26.20
N ILE E 283 -18.34 46.58 25.27
CA ILE E 283 -18.92 45.25 25.13
C ILE E 283 -18.77 44.81 23.69
N LEU E 284 -18.15 43.65 23.49
CA LEU E 284 -18.07 43.02 22.17
C LEU E 284 -19.19 42.01 22.04
N TYR E 285 -20.14 42.29 21.15
CA TYR E 285 -21.30 41.43 20.91
C TYR E 285 -21.09 40.66 19.62
N PHE E 286 -21.53 39.40 19.63
CA PHE E 286 -21.33 38.48 18.52
C PHE E 286 -22.62 37.70 18.30
N PHE E 287 -23.08 37.64 17.05
CA PHE E 287 -24.24 36.86 16.67
C PHE E 287 -23.99 36.28 15.28
N SER E 288 -24.50 35.06 15.05
CA SER E 288 -24.18 34.30 13.86
C SER E 288 -25.41 33.56 13.35
N ASP E 289 -25.28 33.00 12.16
CA ASP E 289 -26.34 32.28 11.46
C ASP E 289 -26.16 30.78 11.61
N ARG E 290 -27.19 30.03 11.22
CA ARG E 290 -27.19 28.58 11.31
C ARG E 290 -26.69 27.90 10.05
N ILE E 291 -26.71 28.57 8.91
CA ILE E 291 -26.56 27.90 7.63
C ILE E 291 -25.09 27.81 7.25
N ASN E 292 -24.43 28.96 7.10
CA ASN E 292 -23.07 29.03 6.58
C ASN E 292 -22.15 29.76 7.55
N GLN E 293 -20.91 29.32 7.59
CA GLN E 293 -19.95 29.67 8.63
C GLN E 293 -18.73 30.32 7.97
N ALA E 294 -17.80 30.78 8.80
CA ALA E 294 -16.58 31.41 8.31
C ALA E 294 -15.43 31.06 9.25
N GLN E 295 -14.23 31.45 8.83
CA GLN E 295 -13.00 30.94 9.44
C GLN E 295 -12.89 31.35 10.91
N GLY E 296 -13.03 32.65 11.17
CA GLY E 296 -12.82 33.19 12.51
C GLY E 296 -12.25 34.58 12.47
N PHE E 297 -12.32 35.27 13.61
CA PHE E 297 -11.85 36.64 13.74
C PHE E 297 -11.03 36.78 15.01
N ALA E 298 -10.00 37.62 14.94
CA ALA E 298 -9.14 37.92 16.08
C ALA E 298 -8.99 39.42 16.19
N VAL E 299 -9.05 39.93 17.42
CA VAL E 299 -8.92 41.36 17.67
C VAL E 299 -7.85 41.56 18.73
N LEU E 300 -7.57 42.82 19.05
CA LEU E 300 -6.45 43.14 19.94
C LEU E 300 -6.68 44.53 20.53
N TYR E 301 -7.01 44.59 21.82
CA TYR E 301 -7.29 45.86 22.49
C TYR E 301 -6.07 46.32 23.28
N GLN E 302 -5.90 47.63 23.35
CA GLN E 302 -4.79 48.27 24.04
C GLN E 302 -5.34 49.38 24.92
N ALA E 303 -5.43 49.12 26.23
CA ALA E 303 -5.88 50.11 27.19
C ALA E 303 -4.72 51.04 27.52
N VAL E 304 -4.75 52.26 27.00
CA VAL E 304 -3.73 53.27 27.22
C VAL E 304 -4.32 54.36 28.09
N LYS E 305 -3.71 54.60 29.24
CA LYS E 305 -4.20 55.59 30.18
C LYS E 305 -3.53 56.93 29.92
C1 SPH F . 6.27 -2.56 9.46
O1 SPH F . 7.03 -1.48 8.95
C2 SPH F . 7.12 -3.66 10.08
N2 SPH F . 6.60 -4.95 9.68
C3 SPH F . 8.61 -3.62 9.73
O3 SPH F . 9.30 -2.70 10.54
C4 SPH F . 9.21 -4.98 9.87
C5 SPH F . 9.76 -5.39 11.16
C6 SPH F . 10.31 -6.78 11.33
C7 SPH F . 9.57 -7.51 12.44
C8 SPH F . 9.84 -7.02 13.86
C9 SPH F . 11.30 -7.11 14.30
C10 SPH F . 11.50 -6.67 15.74
C11 SPH F . 12.92 -6.15 15.98
C12 SPH F . 13.04 -5.29 17.24
C13 SPH F . 14.45 -4.72 17.37
C14 SPH F . 15.37 -5.71 18.09
C15 SPH F . 16.84 -5.48 17.81
C16 SPH F . 17.53 -4.81 19.00
C17 SPH F . 17.90 -5.83 20.05
C18 SPH F . 18.23 -5.15 21.36
C1 NAG G . 18.83 37.31 4.98
C2 NAG G . 19.98 37.30 3.98
C3 NAG G . 20.79 38.57 4.12
C4 NAG G . 19.95 39.75 3.66
C5 NAG G . 18.60 39.74 4.38
C6 NAG G . 17.43 39.54 3.43
C7 NAG G . 20.71 35.01 3.47
C8 NAG G . 21.65 33.90 3.82
N2 NAG G . 20.81 36.13 4.19
O3 NAG G . 21.97 38.47 3.33
O4 NAG G . 20.63 40.96 3.95
O5 NAG G . 18.52 38.70 5.37
O6 NAG G . 16.27 39.13 4.15
O7 NAG G . 19.88 34.89 2.56
C1 NAG H . 14.82 36.07 -7.89
C2 NAG H . 15.33 37.10 -8.89
C3 NAG H . 16.64 37.70 -8.39
C4 NAG H . 16.46 38.26 -6.99
C5 NAG H . 15.85 37.20 -6.07
C6 NAG H . 15.50 37.74 -4.70
C7 NAG H . 14.64 36.66 -11.21
C8 NAG H . 14.98 35.96 -12.49
N2 NAG H . 15.51 36.50 -10.20
O3 NAG H . 17.06 38.73 -9.27
O4 NAG H . 17.71 38.67 -6.45
O5 NAG H . 14.64 36.69 -6.63
O6 NAG H . 14.62 38.85 -4.78
O7 NAG H . 13.61 37.32 -11.08
#